data_1NSC
#
_entry.id   1NSC
#
_cell.length_a   88.900
_cell.length_b   88.900
_cell.length_c   222.800
_cell.angle_alpha   90.00
_cell.angle_beta   90.00
_cell.angle_gamma   120.00
#
_symmetry.space_group_name_H-M   'P 31 2 1'
#
loop_
_entity.id
_entity.type
_entity.pdbx_description
1 polymer NEURAMINIDASE
2 non-polymer 2-acetamido-2-deoxy-beta-D-glucopyranose
3 non-polymer 'N-acetyl-alpha-neuraminic acid'
4 non-polymer 'CALCIUM ION'
5 water water
#
_entity_poly.entity_id   1
_entity_poly.type   'polypeptide(L)'
_entity_poly.pdbx_seq_one_letter_code
;EPEWTYPRLSCQGSTFQKALLISPHRFGEARGNSAPLIIREPFIACGPKECKHFALTHYAAQPGGYYNGTREDRNKLRHL
ISVKLGKIPTVENSIFHMAAWSGSACHDGREWTYIGVDGPDSNALIKIKYGEAYTDTYHSYANNILRTQESACNCIGGDC
YLMITDGSASGISKCRFLKIREGRIIKEIFPTGRVEHTEECTCGFASNKTIECACRDNSYTAKRPFVKLNVETDTAEIRL
MCTETYLDTPRPDDGSITGPCESNGDKGRGGIKGGFVHQRMASKIGRWYSRTMSKTERMGMELYVRYDGDPWTDSDALAH
SGVMVSMKEPGWYSFGFEIKDKKCDVPCIGIEMVHDGGKKTWHSAATAIYCLMGSGQLLWDTVTGVDMAL
;
_entity_poly.pdbx_strand_id   A,B
#
loop_
_chem_comp.id
_chem_comp.type
_chem_comp.name
_chem_comp.formula
CA non-polymer 'CALCIUM ION' 'Ca 2'
NAG D-saccharide, beta linking 2-acetamido-2-deoxy-beta-D-glucopyranose 'C8 H15 N O6'
SIA D-saccharide, alpha linking 'N-acetyl-alpha-neuraminic acid' 'C11 H19 N O9'
#
# COMPACT_ATOMS: atom_id res chain seq x y z
N GLU A 1 2.81 22.07 16.16
CA GLU A 1 2.42 21.32 14.98
C GLU A 1 0.88 21.33 15.00
N PRO A 2 0.08 20.76 14.06
CA PRO A 2 -1.36 20.98 13.99
C PRO A 2 -2.06 20.42 15.21
N GLU A 3 -3.19 21.03 15.47
CA GLU A 3 -3.98 20.57 16.58
C GLU A 3 -4.66 19.26 16.20
N TRP A 4 -4.86 18.42 17.20
CA TRP A 4 -5.63 17.22 16.97
C TRP A 4 -7.07 17.64 16.68
N THR A 5 -7.72 16.90 15.79
CA THR A 5 -9.12 17.05 15.45
C THR A 5 -10.06 16.51 16.56
N TYR A 6 -11.19 17.17 16.75
CA TYR A 6 -12.28 16.72 17.63
C TYR A 6 -13.58 16.88 16.84
N PRO A 7 -14.69 16.17 17.07
CA PRO A 7 -15.98 16.48 16.48
C PRO A 7 -16.46 17.87 16.90
N ARG A 8 -17.13 18.66 16.07
CA ARG A 8 -17.63 19.98 16.47
C ARG A 8 -19.14 19.94 16.26
N LEU A 9 -19.87 21.00 16.65
CA LEU A 9 -21.30 21.06 16.34
C LEU A 9 -21.43 21.14 14.81
N SER A 10 -22.48 20.54 14.27
CA SER A 10 -22.71 20.55 12.82
C SER A 10 -23.11 21.93 12.32
N CYS A 11 -22.86 22.22 11.05
CA CYS A 11 -23.30 23.47 10.43
C CYS A 11 -24.82 23.50 10.42
N GLN A 12 -25.41 24.69 10.39
CA GLN A 12 -26.85 24.86 10.40
C GLN A 12 -27.42 24.25 9.11
N GLY A 13 -28.59 23.67 9.14
CA GLY A 13 -29.23 23.10 7.98
C GLY A 13 -30.29 22.12 8.49
N SER A 14 -31.26 21.74 7.66
CA SER A 14 -32.26 20.80 8.10
C SER A 14 -32.65 19.83 7.00
N THR A 15 -32.03 19.88 5.83
CA THR A 15 -32.31 18.92 4.82
C THR A 15 -31.00 18.62 4.12
N PHE A 16 -30.97 17.45 3.48
CA PHE A 16 -29.83 17.07 2.67
C PHE A 16 -30.16 17.46 1.23
N GLN A 17 -29.15 17.72 0.41
CA GLN A 17 -29.39 18.01 -1.00
C GLN A 17 -28.32 17.29 -1.82
N LYS A 18 -28.58 17.08 -3.11
CA LYS A 18 -27.65 16.47 -4.02
C LYS A 18 -26.42 17.38 -4.10
N ALA A 19 -25.27 16.73 -3.86
CA ALA A 19 -24.04 17.50 -3.88
C ALA A 19 -23.17 17.24 -5.10
N LEU A 20 -22.81 15.99 -5.32
CA LEU A 20 -21.77 15.68 -6.32
C LEU A 20 -21.88 14.23 -6.71
N LEU A 21 -21.52 13.97 -7.97
CA LEU A 21 -21.54 12.62 -8.50
C LEU A 21 -20.13 12.38 -9.01
N ILE A 22 -19.44 11.31 -8.61
CA ILE A 22 -18.17 10.93 -9.23
C ILE A 22 -18.56 9.65 -10.00
N SER A 23 -18.55 9.73 -11.32
CA SER A 23 -18.98 8.61 -12.15
C SER A 23 -17.89 8.30 -13.14
N PRO A 24 -16.86 7.55 -12.75
CA PRO A 24 -15.64 7.43 -13.54
C PRO A 24 -15.92 6.69 -14.86
N HIS A 25 -16.91 5.80 -14.90
CA HIS A 25 -17.10 5.02 -16.10
C HIS A 25 -17.92 5.78 -17.16
N ARG A 26 -18.26 7.09 -16.92
CA ARG A 26 -18.80 7.94 -17.96
C ARG A 26 -17.67 8.15 -18.97
N PHE A 27 -16.43 7.80 -18.62
CA PHE A 27 -15.30 8.00 -19.48
C PHE A 27 -14.64 6.68 -19.86
N GLY A 28 -15.29 5.56 -19.59
CA GLY A 28 -14.63 4.30 -19.82
C GLY A 28 -14.96 3.70 -21.17
N GLU A 29 -15.56 4.44 -22.12
CA GLU A 29 -15.96 3.86 -23.41
C GLU A 29 -14.77 3.29 -24.16
N ALA A 30 -14.93 2.19 -24.86
CA ALA A 30 -13.83 1.63 -25.61
C ALA A 30 -13.27 2.58 -26.65
N ARG A 31 -14.06 3.50 -27.20
CA ARG A 31 -13.58 4.52 -28.14
C ARG A 31 -13.06 5.81 -27.46
N GLY A 32 -13.15 5.89 -26.13
CA GLY A 32 -12.62 7.03 -25.41
C GLY A 32 -11.15 6.79 -25.15
N ASN A 33 -10.58 7.73 -24.41
CA ASN A 33 -9.14 7.75 -24.15
C ASN A 33 -8.79 7.78 -22.66
N SER A 34 -9.65 7.29 -21.77
CA SER A 34 -9.37 7.47 -20.34
C SER A 34 -9.24 6.09 -19.74
N ALA A 35 -8.74 6.11 -18.50
CA ALA A 35 -8.53 4.86 -17.77
C ALA A 35 -9.09 4.91 -16.36
N PRO A 36 -10.43 5.02 -16.18
CA PRO A 36 -11.03 4.92 -14.86
C PRO A 36 -10.71 3.56 -14.26
N LEU A 37 -10.38 3.54 -12.99
CA LEU A 37 -10.09 2.28 -12.35
C LEU A 37 -11.34 1.48 -12.00
N ILE A 38 -11.25 0.17 -12.03
CA ILE A 38 -12.33 -0.71 -11.57
C ILE A 38 -12.19 -0.87 -10.04
N ILE A 39 -13.29 -0.55 -9.36
CA ILE A 39 -13.32 -0.41 -7.90
C ILE A 39 -14.65 -0.92 -7.30
N ARG A 40 -14.68 -1.16 -5.99
CA ARG A 40 -15.92 -1.30 -5.24
C ARG A 40 -15.56 -0.84 -3.85
N GLU A 41 -16.51 -0.79 -2.94
CA GLU A 41 -16.40 -0.24 -1.58
C GLU A 41 -15.70 1.15 -1.53
N PRO A 42 -16.18 2.14 -2.29
CA PRO A 42 -15.79 3.53 -2.07
C PRO A 42 -16.18 4.10 -0.72
N PHE A 43 -15.43 5.07 -0.23
CA PHE A 43 -15.87 5.79 0.97
C PHE A 43 -15.06 7.05 0.97
N ILE A 44 -15.46 8.05 1.77
CA ILE A 44 -14.73 9.32 1.76
C ILE A 44 -14.37 9.63 3.21
N ALA A 45 -13.26 10.28 3.44
CA ALA A 45 -12.87 10.70 4.76
C ALA A 45 -12.25 12.07 4.53
N CYS A 46 -12.43 13.00 5.44
CA CYS A 46 -11.89 14.33 5.35
C CYS A 46 -10.99 14.71 6.51
N GLY A 47 -9.97 15.50 6.17
CA GLY A 47 -9.09 16.13 7.12
C GLY A 47 -9.53 17.59 7.18
N PRO A 48 -8.81 18.47 7.87
CA PRO A 48 -9.19 19.88 7.99
C PRO A 48 -9.31 20.67 6.71
N LYS A 49 -8.55 20.32 5.69
CA LYS A 49 -8.58 21.08 4.44
C LYS A 49 -9.04 20.29 3.22
N GLU A 50 -9.03 18.97 3.26
CA GLU A 50 -9.21 18.23 2.04
C GLU A 50 -9.88 16.94 2.40
N CYS A 51 -10.63 16.42 1.47
CA CYS A 51 -11.21 15.10 1.63
C CYS A 51 -10.56 14.17 0.60
N LYS A 52 -10.41 12.90 0.95
CA LYS A 52 -9.99 11.89 -0.01
C LYS A 52 -11.12 10.93 -0.28
N HIS A 53 -11.15 10.47 -1.53
CA HIS A 53 -12.12 9.51 -2.01
C HIS A 53 -11.36 8.19 -2.13
N PHE A 54 -11.62 7.25 -1.22
CA PHE A 54 -10.96 5.95 -1.21
C PHE A 54 -11.80 4.89 -1.89
N ALA A 55 -11.15 3.80 -2.29
CA ALA A 55 -11.88 2.64 -2.77
C ALA A 55 -10.93 1.47 -2.84
N LEU A 56 -11.47 0.28 -3.06
CA LEU A 56 -10.69 -0.93 -3.27
C LEU A 56 -10.73 -1.30 -4.73
N THR A 57 -9.61 -1.11 -5.40
CA THR A 57 -9.53 -1.41 -6.82
C THR A 57 -9.18 -2.87 -7.04
N HIS A 58 -9.59 -3.37 -8.22
CA HIS A 58 -9.18 -4.69 -8.70
C HIS A 58 -7.90 -4.57 -9.55
N TYR A 59 -7.27 -3.37 -9.55
CA TYR A 59 -5.99 -3.16 -10.21
C TYR A 59 -6.15 -3.41 -11.72
N ALA A 60 -7.22 -2.85 -12.26
CA ALA A 60 -7.56 -3.00 -13.67
C ALA A 60 -8.36 -1.75 -14.05
N ALA A 61 -8.35 -1.37 -15.32
CA ALA A 61 -9.04 -0.20 -15.84
C ALA A 61 -10.04 -0.58 -16.93
N GLN A 62 -10.95 0.34 -17.24
CA GLN A 62 -11.93 0.18 -18.31
C GLN A 62 -11.60 1.31 -19.30
N PRO A 63 -11.41 1.08 -20.60
CA PRO A 63 -11.34 -0.24 -21.25
C PRO A 63 -10.09 -1.03 -20.89
N GLY A 64 -10.12 -2.35 -20.88
CA GLY A 64 -8.97 -3.10 -20.49
C GLY A 64 -9.22 -4.57 -20.74
N GLY A 65 -8.31 -5.44 -20.29
CA GLY A 65 -8.38 -6.87 -20.55
C GLY A 65 -8.47 -7.69 -19.29
N TYR A 66 -8.69 -7.08 -18.12
CA TYR A 66 -8.69 -7.85 -16.90
C TYR A 66 -10.04 -7.78 -16.18
N TYR A 67 -11.13 -7.85 -16.92
CA TYR A 67 -12.43 -7.80 -16.31
C TYR A 67 -12.78 -9.06 -15.56
N ASN A 68 -12.25 -10.20 -15.99
CA ASN A 68 -12.60 -11.45 -15.34
C ASN A 68 -12.08 -11.52 -13.90
N GLY A 69 -12.96 -11.75 -12.93
CA GLY A 69 -12.56 -11.78 -11.54
C GLY A 69 -12.84 -10.44 -10.85
N THR A 70 -13.32 -9.42 -11.58
CA THR A 70 -13.60 -8.18 -10.89
C THR A 70 -14.91 -8.20 -10.12
N ARG A 71 -15.62 -9.33 -10.12
CA ARG A 71 -16.81 -9.39 -9.31
C ARG A 71 -16.47 -10.21 -8.09
N GLU A 72 -15.23 -10.61 -7.84
CA GLU A 72 -14.87 -11.31 -6.63
C GLU A 72 -14.47 -10.26 -5.59
N ASP A 73 -14.56 -10.59 -4.32
CA ASP A 73 -14.28 -9.64 -3.28
C ASP A 73 -12.84 -9.72 -2.79
N ARG A 74 -12.19 -10.88 -2.74
CA ARG A 74 -10.86 -10.97 -2.18
C ARG A 74 -9.93 -11.72 -3.12
N ASN A 75 -8.71 -11.20 -3.31
CA ASN A 75 -7.71 -11.82 -4.13
C ASN A 75 -6.39 -11.15 -3.86
N LYS A 76 -5.29 -11.48 -4.55
CA LYS A 76 -3.97 -10.97 -4.22
C LYS A 76 -3.66 -9.65 -4.88
N LEU A 77 -4.56 -9.15 -5.73
CA LEU A 77 -4.31 -7.91 -6.44
C LEU A 77 -5.07 -6.72 -5.88
N ARG A 78 -6.15 -6.84 -5.08
CA ARG A 78 -6.90 -5.65 -4.69
C ARG A 78 -6.04 -4.73 -3.85
N HIS A 79 -6.19 -3.42 -4.08
CA HIS A 79 -5.43 -2.44 -3.34
C HIS A 79 -6.34 -1.31 -2.91
N LEU A 80 -6.01 -0.69 -1.79
CA LEU A 80 -6.67 0.53 -1.32
C LEU A 80 -6.03 1.69 -2.08
N ILE A 81 -6.85 2.52 -2.75
CA ILE A 81 -6.40 3.67 -3.49
C ILE A 81 -7.19 4.89 -3.04
N SER A 82 -6.71 6.06 -3.39
CA SER A 82 -7.50 7.26 -3.18
C SER A 82 -7.11 8.31 -4.21
N VAL A 83 -7.98 9.31 -4.32
CA VAL A 83 -7.71 10.52 -5.05
C VAL A 83 -8.30 11.61 -4.18
N LYS A 84 -7.94 12.86 -4.50
CA LYS A 84 -8.54 13.99 -3.79
C LYS A 84 -10.01 14.00 -4.19
N LEU A 85 -10.91 14.22 -3.26
CA LEU A 85 -12.33 14.26 -3.63
C LEU A 85 -12.60 15.31 -4.71
N GLY A 86 -13.34 14.93 -5.74
CA GLY A 86 -13.64 15.82 -6.86
C GLY A 86 -12.76 15.44 -8.06
N LYS A 87 -11.72 14.60 -7.89
CA LYS A 87 -10.94 14.12 -9.03
C LYS A 87 -11.31 12.79 -9.62
N ILE A 88 -10.95 12.65 -10.92
CA ILE A 88 -11.55 11.35 -11.28
C ILE A 88 -10.67 10.11 -10.96
N PRO A 89 -10.98 9.00 -10.23
CA PRO A 89 -10.02 7.95 -9.87
C PRO A 89 -9.55 7.15 -11.09
N THR A 90 -8.59 7.62 -11.87
CA THR A 90 -8.06 6.89 -13.00
C THR A 90 -6.71 6.30 -12.55
N VAL A 91 -6.08 5.53 -13.44
CA VAL A 91 -4.74 4.98 -13.25
C VAL A 91 -3.75 6.07 -12.82
N GLU A 92 -3.67 7.20 -13.51
CA GLU A 92 -2.72 8.24 -13.20
C GLU A 92 -3.13 9.16 -12.08
N ASN A 93 -4.42 9.43 -11.82
CA ASN A 93 -4.80 10.33 -10.73
C ASN A 93 -4.67 9.67 -9.35
N SER A 94 -4.81 8.36 -9.29
CA SER A 94 -4.84 7.64 -8.02
C SER A 94 -3.47 7.39 -7.43
N ILE A 95 -3.47 7.20 -6.11
CA ILE A 95 -2.32 6.77 -5.33
C ILE A 95 -2.68 5.39 -4.76
N PHE A 96 -1.75 4.46 -4.82
CA PHE A 96 -1.94 3.10 -4.32
C PHE A 96 -1.27 3.05 -2.95
N HIS A 97 -2.08 2.83 -1.94
CA HIS A 97 -1.61 2.88 -0.55
C HIS A 97 -1.06 1.59 -0.03
N MET A 98 -1.77 0.50 -0.31
CA MET A 98 -1.37 -0.79 0.22
C MET A 98 -2.27 -1.85 -0.36
N ALA A 99 -1.71 -3.08 -0.44
CA ALA A 99 -2.45 -4.25 -0.88
C ALA A 99 -3.52 -4.52 0.19
N ALA A 100 -4.78 -4.64 -0.24
CA ALA A 100 -5.89 -4.76 0.70
C ALA A 100 -7.18 -5.18 0.01
N TRP A 101 -7.97 -6.06 0.61
CA TRP A 101 -9.29 -6.35 0.09
C TRP A 101 -10.43 -5.96 1.04
N SER A 102 -10.09 -5.20 2.10
CA SER A 102 -11.05 -4.55 2.99
C SER A 102 -10.27 -3.36 3.56
N GLY A 103 -10.90 -2.21 3.76
CA GLY A 103 -10.15 -1.02 4.14
C GLY A 103 -10.93 -0.02 4.96
N SER A 104 -10.17 1.00 5.40
CA SER A 104 -10.70 2.14 6.15
C SER A 104 -9.56 3.17 6.16
N ALA A 105 -9.86 4.42 6.51
CA ALA A 105 -8.87 5.48 6.64
C ALA A 105 -9.55 6.65 7.37
N CYS A 106 -8.71 7.46 8.01
CA CYS A 106 -9.15 8.67 8.71
C CYS A 106 -7.99 9.59 9.01
N HIS A 107 -8.30 10.85 9.23
CA HIS A 107 -7.28 11.84 9.50
C HIS A 107 -7.46 12.25 10.93
N ASP A 108 -6.35 12.37 11.64
CA ASP A 108 -6.46 12.77 13.03
C ASP A 108 -6.18 14.25 13.33
N GLY A 109 -5.97 15.04 12.28
CA GLY A 109 -5.70 16.46 12.43
C GLY A 109 -4.27 16.73 12.03
N ARG A 110 -3.46 15.69 12.16
CA ARG A 110 -2.07 15.77 11.77
C ARG A 110 -1.71 14.87 10.60
N GLU A 111 -2.17 13.63 10.50
CA GLU A 111 -1.75 12.75 9.45
C GLU A 111 -2.88 11.78 9.16
N TRP A 112 -2.80 11.14 7.99
CA TRP A 112 -3.70 10.09 7.57
C TRP A 112 -3.25 8.74 8.12
N THR A 113 -4.22 7.97 8.64
CA THR A 113 -4.02 6.59 9.00
C THR A 113 -4.73 5.79 7.92
N TYR A 114 -4.07 4.77 7.37
CA TYR A 114 -4.69 3.95 6.34
C TYR A 114 -4.73 2.53 6.88
N ILE A 115 -5.86 1.84 6.71
CA ILE A 115 -6.00 0.47 7.19
C ILE A 115 -6.38 -0.44 6.03
N GLY A 116 -5.71 -1.57 5.89
CA GLY A 116 -6.06 -2.48 4.84
C GLY A 116 -5.96 -3.90 5.37
N VAL A 117 -6.76 -4.80 4.84
CA VAL A 117 -6.70 -6.18 5.31
C VAL A 117 -6.34 -7.01 4.12
N ASP A 118 -5.39 -7.92 4.23
CA ASP A 118 -5.24 -8.92 3.20
C ASP A 118 -4.69 -10.20 3.86
N GLY A 119 -4.30 -11.16 3.04
CA GLY A 119 -3.86 -12.45 3.53
C GLY A 119 -4.89 -13.47 3.13
N PRO A 120 -4.65 -14.75 3.38
CA PRO A 120 -5.60 -15.83 3.11
C PRO A 120 -6.85 -15.69 3.96
N ASP A 121 -8.00 -16.14 3.45
CA ASP A 121 -9.25 -16.11 4.22
C ASP A 121 -9.19 -16.65 5.64
N SER A 122 -8.52 -17.79 5.82
CA SER A 122 -8.43 -18.39 7.15
C SER A 122 -7.40 -17.72 8.02
N ASN A 123 -6.61 -16.77 7.54
CA ASN A 123 -5.62 -16.18 8.41
C ASN A 123 -5.21 -14.82 7.87
N ALA A 124 -6.16 -13.90 7.83
CA ALA A 124 -5.89 -12.58 7.27
C ALA A 124 -5.28 -11.62 8.25
N LEU A 125 -5.02 -10.37 7.84
CA LEU A 125 -4.19 -9.48 8.63
C LEU A 125 -4.57 -8.01 8.41
N ILE A 126 -4.84 -7.32 9.52
CA ILE A 126 -5.05 -5.87 9.53
C ILE A 126 -3.66 -5.26 9.37
N LYS A 127 -3.43 -4.31 8.46
CA LYS A 127 -2.13 -3.64 8.40
C LYS A 127 -2.47 -2.16 8.50
N ILE A 128 -1.66 -1.40 9.23
CA ILE A 128 -1.92 0.01 9.49
C ILE A 128 -0.73 0.79 8.98
N LYS A 129 -0.99 1.89 8.31
CA LYS A 129 0.05 2.75 7.78
C LYS A 129 -0.24 4.13 8.35
N TYR A 130 0.74 4.90 8.78
CA TYR A 130 0.49 6.26 9.28
C TYR A 130 1.32 7.11 8.28
N GLY A 131 0.71 7.93 7.43
CA GLY A 131 1.47 8.60 6.40
C GLY A 131 2.08 7.58 5.42
N GLU A 132 3.40 7.66 5.24
CA GLU A 132 4.11 6.72 4.36
C GLU A 132 4.55 5.47 5.07
N ALA A 133 4.54 5.43 6.41
CA ALA A 133 5.13 4.27 7.07
C ALA A 133 4.19 3.16 7.52
N TYR A 134 4.56 1.89 7.32
CA TYR A 134 3.77 0.78 7.84
C TYR A 134 4.16 0.72 9.33
N THR A 135 3.17 0.73 10.23
CA THR A 135 3.44 0.86 11.66
C THR A 135 2.98 -0.29 12.54
N ASP A 136 1.98 -1.07 12.11
CA ASP A 136 1.45 -2.13 12.97
C ASP A 136 0.52 -3.09 12.23
N THR A 137 0.18 -4.22 12.86
CA THR A 137 -0.71 -5.19 12.27
C THR A 137 -1.54 -5.81 13.41
N TYR A 138 -2.65 -6.48 13.10
CA TYR A 138 -3.47 -7.13 14.10
C TYR A 138 -3.83 -8.46 13.46
N HIS A 139 -3.80 -9.54 14.22
CA HIS A 139 -4.03 -10.88 13.67
C HIS A 139 -5.50 -11.31 13.70
N SER A 140 -5.82 -12.29 12.87
CA SER A 140 -7.13 -12.96 12.85
C SER A 140 -7.34 -13.69 14.18
N TYR A 141 -8.52 -13.50 14.77
CA TYR A 141 -8.83 -14.14 16.04
C TYR A 141 -9.91 -15.19 15.94
N ALA A 142 -10.62 -15.24 14.80
CA ALA A 142 -11.61 -16.25 14.55
C ALA A 142 -11.27 -17.05 13.30
N ASN A 143 -10.18 -16.74 12.58
CA ASN A 143 -9.72 -17.43 11.35
C ASN A 143 -10.78 -17.61 10.27
N ASN A 144 -11.52 -16.53 10.05
CA ASN A 144 -12.60 -16.54 9.06
C ASN A 144 -12.88 -15.12 8.55
N ILE A 145 -12.02 -14.73 7.60
CA ILE A 145 -12.06 -13.43 6.92
C ILE A 145 -12.15 -12.23 7.86
N LEU A 146 -11.02 -12.00 8.52
CA LEU A 146 -10.83 -10.78 9.31
C LEU A 146 -11.06 -9.65 8.31
N ARG A 147 -11.78 -8.61 8.73
CA ARG A 147 -12.24 -7.59 7.81
C ARG A 147 -12.63 -6.32 8.56
N THR A 148 -12.88 -5.19 7.89
CA THR A 148 -13.15 -3.98 8.61
C THR A 148 -14.26 -3.18 7.97
N GLN A 149 -14.29 -1.87 8.21
CA GLN A 149 -15.48 -1.10 7.96
C GLN A 149 -15.91 -0.75 6.56
N GLU A 150 -14.95 -0.52 5.66
CA GLU A 150 -15.22 -0.01 4.32
C GLU A 150 -15.75 1.40 4.40
N SER A 151 -15.40 2.13 5.46
CA SER A 151 -15.73 3.54 5.59
C SER A 151 -14.77 4.16 6.58
N ALA A 152 -14.84 5.47 6.78
CA ALA A 152 -13.91 6.17 7.66
C ALA A 152 -13.82 5.69 9.10
N CYS A 153 -12.60 5.61 9.61
CA CYS A 153 -12.40 5.41 11.05
C CYS A 153 -12.61 6.79 11.67
N ASN A 154 -12.54 6.91 12.99
CA ASN A 154 -12.90 8.14 13.66
C ASN A 154 -11.87 8.52 14.69
N CYS A 155 -11.30 9.70 14.61
CA CYS A 155 -10.28 10.14 15.55
C CYS A 155 -10.73 11.29 16.42
N ILE A 156 -10.33 11.31 17.71
CA ILE A 156 -10.64 12.38 18.63
C ILE A 156 -9.39 12.57 19.51
N GLY A 157 -8.77 13.76 19.46
CA GLY A 157 -7.55 14.07 20.24
C GLY A 157 -6.37 13.13 19.97
N GLY A 158 -6.28 12.60 18.75
CA GLY A 158 -5.18 11.76 18.36
C GLY A 158 -5.50 10.30 18.44
N ASP A 159 -6.55 9.93 19.17
CA ASP A 159 -6.95 8.53 19.25
C ASP A 159 -7.95 8.16 18.15
N CYS A 160 -7.59 7.20 17.29
CA CYS A 160 -8.50 6.74 16.25
C CYS A 160 -9.05 5.32 16.49
N TYR A 161 -10.32 5.29 15.98
CA TYR A 161 -11.06 4.12 16.53
C TYR A 161 -11.65 3.30 15.42
N LEU A 162 -11.56 1.98 15.43
CA LEU A 162 -11.85 1.25 14.21
C LEU A 162 -12.54 -0.03 14.54
N MET A 163 -13.62 -0.35 13.85
CA MET A 163 -14.27 -1.65 14.01
C MET A 163 -13.55 -2.67 13.13
N ILE A 164 -13.28 -3.85 13.69
CA ILE A 164 -12.83 -4.98 12.88
C ILE A 164 -13.73 -6.16 13.24
N THR A 165 -13.81 -7.22 12.47
CA THR A 165 -14.64 -8.35 12.81
C THR A 165 -14.02 -9.54 12.13
N ASP A 166 -14.42 -10.72 12.58
CA ASP A 166 -13.83 -11.95 12.08
C ASP A 166 -14.85 -12.99 12.45
N GLY A 167 -15.09 -13.96 11.59
CA GLY A 167 -16.07 -15.00 11.87
C GLY A 167 -16.89 -15.24 10.62
N SER A 168 -17.80 -16.19 10.71
CA SER A 168 -18.59 -16.62 9.58
C SER A 168 -19.56 -15.57 9.11
N ALA A 169 -19.59 -15.38 7.79
CA ALA A 169 -20.58 -14.50 7.21
C ALA A 169 -22.02 -15.04 7.40
N SER A 170 -22.16 -16.34 7.73
CA SER A 170 -23.45 -17.00 7.94
C SER A 170 -23.71 -17.35 9.40
N GLY A 171 -22.89 -16.91 10.33
CA GLY A 171 -23.07 -17.28 11.71
C GLY A 171 -22.53 -16.19 12.61
N ILE A 172 -21.65 -16.59 13.53
CA ILE A 172 -21.11 -15.67 14.50
C ILE A 172 -19.88 -14.93 14.01
N SER A 173 -19.94 -13.62 14.18
CA SER A 173 -18.83 -12.72 13.87
C SER A 173 -18.86 -11.65 14.95
N LYS A 174 -18.10 -11.87 16.01
CA LYS A 174 -18.02 -10.90 17.08
C LYS A 174 -17.05 -9.82 16.66
N CYS A 175 -17.44 -8.57 16.66
CA CYS A 175 -16.52 -7.53 16.27
C CYS A 175 -15.70 -7.12 17.48
N ARG A 176 -14.67 -6.34 17.28
CA ARG A 176 -13.84 -5.75 18.32
C ARG A 176 -13.57 -4.36 17.75
N PHE A 177 -13.16 -3.45 18.63
CA PHE A 177 -12.75 -2.11 18.22
C PHE A 177 -11.29 -1.94 18.58
N LEU A 178 -10.51 -1.30 17.71
CA LEU A 178 -9.10 -1.04 17.96
C LEU A 178 -8.98 0.47 18.21
N LYS A 179 -8.15 0.84 19.18
CA LYS A 179 -7.85 2.22 19.50
C LYS A 179 -6.43 2.39 18.97
N ILE A 180 -6.22 3.29 18.02
CA ILE A 180 -4.98 3.42 17.27
C ILE A 180 -4.47 4.85 17.53
N ARG A 181 -3.19 5.03 17.87
CA ARG A 181 -2.67 6.36 18.04
C ARG A 181 -1.37 6.41 17.26
N GLU A 182 -1.27 7.35 16.34
CA GLU A 182 -0.11 7.49 15.46
C GLU A 182 0.31 6.19 14.79
N GLY A 183 -0.70 5.49 14.31
CA GLY A 183 -0.45 4.26 13.59
C GLY A 183 -0.25 3.01 14.44
N ARG A 184 -0.28 3.08 15.77
CA ARG A 184 -0.02 1.86 16.54
C ARG A 184 -1.23 1.56 17.40
N ILE A 185 -1.54 0.27 17.55
CA ILE A 185 -2.70 -0.15 18.31
C ILE A 185 -2.34 -0.02 19.77
N ILE A 186 -3.09 0.77 20.48
CA ILE A 186 -2.80 0.98 21.90
C ILE A 186 -3.90 0.40 22.78
N LYS A 187 -5.00 -0.10 22.23
CA LYS A 187 -6.04 -0.72 23.06
C LYS A 187 -6.96 -1.53 22.17
N GLU A 188 -7.41 -2.68 22.67
CA GLU A 188 -8.41 -3.52 22.00
C GLU A 188 -9.68 -3.45 22.86
N ILE A 189 -10.83 -3.26 22.25
CA ILE A 189 -12.08 -3.09 22.97
C ILE A 189 -13.02 -4.20 22.57
N PHE A 190 -13.45 -4.96 23.57
CA PHE A 190 -14.32 -6.11 23.44
C PHE A 190 -15.73 -5.69 23.84
N PRO A 191 -16.66 -5.54 22.89
CA PRO A 191 -18.01 -5.04 23.19
C PRO A 191 -18.83 -6.03 24.01
N THR A 192 -19.87 -5.48 24.67
CA THR A 192 -20.85 -6.22 25.46
C THR A 192 -22.20 -6.17 24.73
N GLY A 193 -23.14 -7.00 25.18
CA GLY A 193 -24.50 -6.91 24.71
C GLY A 193 -24.83 -7.94 23.65
N ARG A 194 -25.46 -7.47 22.57
CA ARG A 194 -25.88 -8.34 21.51
C ARG A 194 -24.68 -8.33 20.57
N VAL A 195 -23.83 -9.34 20.71
CA VAL A 195 -22.55 -9.41 19.96
C VAL A 195 -22.47 -10.52 18.92
N GLU A 196 -23.55 -11.29 18.68
CA GLU A 196 -23.50 -12.48 17.82
C GLU A 196 -23.00 -12.20 16.39
N HIS A 197 -23.30 -11.04 15.82
CA HIS A 197 -22.84 -10.74 14.47
C HIS A 197 -22.87 -9.24 14.21
N THR A 198 -21.70 -8.61 14.07
CA THR A 198 -21.63 -7.19 13.71
C THR A 198 -20.55 -7.05 12.63
N GLU A 199 -20.85 -6.48 11.48
CA GLU A 199 -19.79 -6.21 10.54
C GLU A 199 -20.08 -4.92 9.78
N GLU A 200 -19.11 -4.45 9.01
CA GLU A 200 -19.24 -3.24 8.20
C GLU A 200 -19.87 -2.04 8.91
N CYS A 201 -19.39 -1.76 10.11
CA CYS A 201 -19.97 -0.69 10.89
C CYS A 201 -19.69 0.65 10.23
N THR A 202 -20.72 1.50 10.15
CA THR A 202 -20.52 2.87 9.72
C THR A 202 -20.56 3.70 11.01
N CYS A 203 -19.45 4.33 11.38
CA CYS A 203 -19.35 5.00 12.66
C CYS A 203 -19.13 6.51 12.57
N GLY A 204 -19.62 7.21 13.60
CA GLY A 204 -19.41 8.65 13.68
C GLY A 204 -19.54 9.11 15.12
N PHE A 205 -19.17 10.35 15.41
CA PHE A 205 -19.28 10.88 16.76
C PHE A 205 -20.66 11.44 17.03
N ALA A 206 -21.31 10.91 18.07
CA ALA A 206 -22.54 11.49 18.56
C ALA A 206 -22.19 12.71 19.40
N SER A 207 -20.99 12.75 20.02
CA SER A 207 -20.58 13.85 20.89
C SER A 207 -19.10 13.62 21.16
N ASN A 208 -18.43 14.39 22.01
CA ASN A 208 -17.04 14.10 22.39
C ASN A 208 -16.94 12.87 23.30
N LYS A 209 -18.03 12.32 23.81
CA LYS A 209 -17.95 11.17 24.69
C LYS A 209 -18.27 9.84 24.00
N THR A 210 -19.02 9.88 22.88
CA THR A 210 -19.58 8.67 22.30
C THR A 210 -19.45 8.60 20.76
N ILE A 211 -19.00 7.43 20.31
CA ILE A 211 -18.99 7.08 18.91
C ILE A 211 -20.18 6.13 18.80
N GLU A 212 -21.00 6.28 17.75
CA GLU A 212 -22.06 5.33 17.49
C GLU A 212 -21.87 4.78 16.09
N CYS A 213 -22.32 3.56 15.87
CA CYS A 213 -22.18 2.90 14.59
C CYS A 213 -23.45 2.18 14.23
N ALA A 214 -23.90 2.21 12.97
CA ALA A 214 -25.01 1.39 12.48
C ALA A 214 -24.27 0.37 11.62
N CYS A 215 -24.44 -0.91 11.91
CA CYS A 215 -23.67 -1.97 11.30
C CYS A 215 -24.55 -2.93 10.55
N ARG A 216 -23.97 -4.00 10.04
CA ARG A 216 -24.68 -5.00 9.25
C ARG A 216 -24.62 -6.33 9.98
N ASP A 217 -25.77 -7.02 10.01
CA ASP A 217 -25.83 -8.38 10.49
C ASP A 217 -26.19 -9.17 9.25
N ASN A 218 -25.19 -9.95 8.78
CA ASN A 218 -25.31 -10.75 7.58
C ASN A 218 -26.02 -12.08 7.75
N SER A 219 -26.27 -12.40 9.00
CA SER A 219 -26.77 -13.71 9.31
C SER A 219 -28.18 -13.81 9.88
N TYR A 220 -28.42 -13.04 10.95
CA TYR A 220 -29.59 -13.21 11.79
C TYR A 220 -30.70 -12.22 11.67
N THR A 221 -30.49 -10.98 11.22
CA THR A 221 -31.55 -10.01 11.27
C THR A 221 -31.39 -8.94 10.17
N ALA A 222 -32.51 -8.24 9.92
CA ALA A 222 -32.55 -7.09 9.03
C ALA A 222 -32.57 -5.78 9.83
N LYS A 223 -32.64 -5.86 11.18
CA LYS A 223 -32.44 -4.69 12.05
C LYS A 223 -30.92 -4.47 12.07
N ARG A 224 -30.43 -3.23 12.14
CA ARG A 224 -28.97 -3.05 12.18
C ARG A 224 -28.42 -3.10 13.59
N PRO A 225 -27.36 -3.87 13.90
CA PRO A 225 -26.62 -3.77 15.17
C PRO A 225 -26.14 -2.32 15.35
N PHE A 226 -26.33 -1.71 16.50
CA PHE A 226 -26.02 -0.30 16.72
C PHE A 226 -25.11 -0.27 17.92
N VAL A 227 -23.91 0.23 17.69
CA VAL A 227 -22.85 0.29 18.69
C VAL A 227 -22.85 1.64 19.40
N LYS A 228 -22.70 1.70 20.73
CA LYS A 228 -22.45 2.95 21.42
C LYS A 228 -21.11 2.69 22.08
N LEU A 229 -20.07 3.46 21.74
CA LEU A 229 -18.71 3.23 22.21
C LEU A 229 -18.37 4.45 23.03
N ASN A 230 -18.04 4.26 24.32
CA ASN A 230 -17.68 5.36 25.20
C ASN A 230 -16.17 5.56 25.09
N VAL A 231 -15.78 6.70 24.56
CA VAL A 231 -14.42 7.06 24.27
C VAL A 231 -13.66 7.38 25.55
N GLU A 232 -14.35 7.78 26.62
CA GLU A 232 -13.68 8.09 27.87
C GLU A 232 -13.35 6.85 28.68
N THR A 233 -14.17 5.81 28.67
CA THR A 233 -13.88 4.59 29.40
C THR A 233 -13.37 3.49 28.48
N ASP A 234 -13.44 3.70 27.13
CA ASP A 234 -13.10 2.70 26.14
C ASP A 234 -13.82 1.39 26.35
N THR A 235 -15.13 1.53 26.40
CA THR A 235 -15.99 0.37 26.51
C THR A 235 -17.07 0.51 25.44
N ALA A 236 -17.63 -0.58 24.98
CA ALA A 236 -18.69 -0.53 23.98
C ALA A 236 -19.75 -1.54 24.30
N GLU A 237 -20.98 -1.22 23.89
CA GLU A 237 -22.12 -2.11 24.02
C GLU A 237 -22.89 -2.09 22.71
N ILE A 238 -23.44 -3.23 22.31
CA ILE A 238 -24.13 -3.31 21.03
C ILE A 238 -25.55 -3.81 21.29
N ARG A 239 -26.57 -3.23 20.68
CA ARG A 239 -27.93 -3.77 20.74
C ARG A 239 -28.53 -3.47 19.38
N LEU A 240 -29.55 -4.20 18.93
CA LEU A 240 -30.20 -3.98 17.64
C LEU A 240 -30.99 -2.69 17.64
N MET A 241 -31.03 -1.97 16.51
CA MET A 241 -31.91 -0.80 16.43
C MET A 241 -33.35 -1.30 16.57
N CYS A 242 -34.16 -0.63 17.37
CA CYS A 242 -35.55 -1.00 17.56
C CYS A 242 -36.51 -0.42 16.53
N THR A 243 -36.16 0.57 15.70
CA THR A 243 -37.11 1.18 14.77
C THR A 243 -37.74 0.18 13.83
N GLU A 244 -39.03 0.40 13.56
CA GLU A 244 -39.74 -0.41 12.58
C GLU A 244 -39.26 -0.18 11.16
N THR A 245 -38.56 0.94 10.91
CA THR A 245 -38.02 1.22 9.59
C THR A 245 -36.71 0.40 9.45
N TYR A 246 -36.72 -0.92 9.16
CA TYR A 246 -35.50 -1.77 9.16
C TYR A 246 -34.57 -1.29 8.08
N LEU A 247 -33.31 -1.11 8.44
CA LEU A 247 -32.43 -0.48 7.48
C LEU A 247 -31.58 -1.41 6.61
N ASP A 248 -31.62 -2.72 6.86
CA ASP A 248 -30.83 -3.64 6.05
C ASP A 248 -31.52 -4.01 4.73
N THR A 249 -30.79 -4.68 3.83
CA THR A 249 -31.34 -5.26 2.60
C THR A 249 -30.69 -6.64 2.55
N PRO A 250 -31.41 -7.76 2.51
CA PRO A 250 -32.87 -7.80 2.45
C PRO A 250 -33.55 -7.48 3.76
N ARG A 251 -34.84 -7.19 3.71
CA ARG A 251 -35.59 -6.89 4.91
C ARG A 251 -37.04 -7.33 4.68
N PRO A 252 -37.80 -7.68 5.74
CA PRO A 252 -39.26 -7.79 5.70
C PRO A 252 -39.90 -6.40 5.61
N ASP A 253 -41.25 -6.36 5.59
CA ASP A 253 -41.96 -5.07 5.57
C ASP A 253 -41.76 -4.36 6.89
N ASP A 254 -41.84 -3.04 6.83
CA ASP A 254 -41.63 -2.22 8.01
C ASP A 254 -42.64 -2.54 9.06
N GLY A 255 -42.18 -2.59 10.30
CA GLY A 255 -43.04 -2.90 11.42
C GLY A 255 -43.46 -4.35 11.51
N SER A 256 -43.07 -5.26 10.61
CA SER A 256 -43.55 -6.64 10.67
C SER A 256 -42.86 -7.53 11.69
N ILE A 257 -41.71 -7.17 12.29
CA ILE A 257 -41.04 -8.05 13.24
C ILE A 257 -41.68 -7.72 14.57
N THR A 258 -42.51 -8.65 14.99
CA THR A 258 -43.19 -8.49 16.26
C THR A 258 -42.32 -8.93 17.41
N GLY A 259 -42.60 -8.35 18.57
CA GLY A 259 -41.87 -8.76 19.75
C GLY A 259 -41.03 -7.59 20.20
N PRO A 260 -40.24 -7.76 21.27
CA PRO A 260 -39.32 -6.75 21.81
C PRO A 260 -38.24 -6.27 20.83
N CYS A 261 -37.58 -5.16 21.12
CA CYS A 261 -36.58 -4.60 20.24
C CYS A 261 -35.52 -5.60 19.84
N GLU A 262 -35.23 -6.59 20.69
CA GLU A 262 -34.24 -7.60 20.34
C GLU A 262 -34.70 -8.71 19.40
N SER A 263 -35.98 -8.87 19.04
CA SER A 263 -36.38 -9.94 18.16
C SER A 263 -35.71 -9.76 16.81
N ASN A 264 -35.10 -10.84 16.36
CA ASN A 264 -34.39 -10.86 15.09
C ASN A 264 -35.29 -10.78 13.90
N GLY A 265 -36.43 -11.46 13.93
CA GLY A 265 -37.33 -11.43 12.81
C GLY A 265 -36.86 -12.22 11.62
N ASP A 266 -37.56 -11.89 10.56
CA ASP A 266 -37.45 -12.62 9.33
C ASP A 266 -36.54 -11.98 8.31
N LYS A 267 -36.08 -12.73 7.31
CA LYS A 267 -35.21 -12.28 6.25
C LYS A 267 -33.93 -11.59 6.77
N GLY A 268 -33.37 -12.26 7.78
CA GLY A 268 -32.16 -11.78 8.40
C GLY A 268 -30.89 -12.02 7.63
N ARG A 269 -30.93 -13.13 6.88
CA ARG A 269 -29.78 -13.56 6.09
C ARG A 269 -29.49 -12.62 4.92
N GLY A 270 -28.20 -12.29 4.76
CA GLY A 270 -27.76 -11.32 3.77
C GLY A 270 -27.68 -9.97 4.47
N GLY A 271 -27.22 -8.93 3.75
CA GLY A 271 -27.13 -7.59 4.33
C GLY A 271 -26.45 -6.63 3.36
N ILE A 272 -26.33 -5.40 3.80
CA ILE A 272 -25.66 -4.36 3.04
C ILE A 272 -25.12 -3.35 4.05
N LYS A 273 -23.95 -2.75 3.78
CA LYS A 273 -23.45 -1.66 4.62
C LYS A 273 -24.37 -0.45 4.48
N GLY A 274 -24.73 0.23 5.56
CA GLY A 274 -25.71 1.28 5.44
C GLY A 274 -25.18 2.63 5.87
N GLY A 275 -25.72 3.68 5.25
CA GLY A 275 -25.28 5.06 5.57
C GLY A 275 -25.85 5.48 6.92
N PHE A 276 -25.07 6.29 7.62
CA PHE A 276 -25.41 6.78 8.92
C PHE A 276 -24.49 7.97 9.18
N VAL A 277 -25.01 9.13 9.58
CA VAL A 277 -24.19 10.30 9.92
C VAL A 277 -24.97 11.14 10.95
N HIS A 278 -24.25 11.84 11.81
CA HIS A 278 -24.80 12.59 12.91
C HIS A 278 -24.84 14.04 12.55
N GLN A 279 -25.90 14.68 13.02
CA GLN A 279 -26.04 16.13 13.00
C GLN A 279 -26.08 16.55 14.46
N ARG A 280 -25.00 17.13 14.96
CA ARG A 280 -24.90 17.46 16.36
C ARG A 280 -25.30 18.93 16.55
N MET A 281 -26.40 19.18 17.24
CA MET A 281 -26.84 20.54 17.47
C MET A 281 -26.58 20.77 18.92
N ALA A 282 -26.69 22.04 19.33
CA ALA A 282 -26.38 22.39 20.72
C ALA A 282 -27.18 21.65 21.78
N SER A 283 -28.48 21.48 21.51
CA SER A 283 -29.38 20.81 22.42
C SER A 283 -29.85 19.43 21.95
N LYS A 284 -29.64 19.05 20.68
CA LYS A 284 -30.22 17.83 20.14
C LYS A 284 -29.38 17.13 19.08
N ILE A 285 -29.70 15.87 18.77
CA ILE A 285 -28.91 15.05 17.88
C ILE A 285 -29.77 14.48 16.79
N GLY A 286 -29.42 14.77 15.54
CA GLY A 286 -30.12 14.19 14.41
C GLY A 286 -29.36 12.97 13.98
N ARG A 287 -30.01 11.82 13.81
CA ARG A 287 -29.35 10.67 13.25
C ARG A 287 -29.98 10.44 11.87
N TRP A 288 -29.13 10.55 10.84
CA TRP A 288 -29.52 10.42 9.43
C TRP A 288 -29.08 9.07 8.94
N TYR A 289 -29.96 8.36 8.24
CA TYR A 289 -29.74 7.00 7.78
C TYR A 289 -30.10 6.83 6.32
N SER A 290 -29.52 5.90 5.56
CA SER A 290 -30.02 5.61 4.21
C SER A 290 -30.35 4.11 4.08
N ARG A 291 -31.28 3.75 3.22
CA ARG A 291 -31.53 2.35 2.94
C ARG A 291 -32.02 2.27 1.52
N THR A 292 -31.88 1.09 0.92
CA THR A 292 -32.31 0.87 -0.45
C THR A 292 -33.84 1.05 -0.54
N MET A 293 -34.28 1.42 -1.75
CA MET A 293 -35.69 1.53 -1.98
C MET A 293 -36.25 0.12 -2.07
N SER A 294 -35.64 -0.83 -2.79
CA SER A 294 -36.16 -2.16 -2.83
C SER A 294 -35.89 -2.86 -1.51
N LYS A 295 -36.78 -3.74 -1.07
CA LYS A 295 -36.57 -4.51 0.16
C LYS A 295 -35.63 -5.70 0.01
N THR A 296 -35.45 -6.11 -1.22
CA THR A 296 -34.70 -7.30 -1.53
C THR A 296 -33.52 -7.09 -2.46
N GLU A 297 -33.45 -6.02 -3.26
CA GLU A 297 -32.40 -5.89 -4.25
C GLU A 297 -31.66 -4.61 -3.91
N ARG A 298 -30.46 -4.42 -4.41
CA ARG A 298 -29.66 -3.23 -4.16
C ARG A 298 -30.03 -2.17 -5.22
N MET A 299 -31.27 -1.67 -5.13
CA MET A 299 -31.79 -0.70 -6.08
C MET A 299 -32.41 0.45 -5.32
N GLY A 300 -32.11 1.67 -5.78
CA GLY A 300 -32.60 2.88 -5.17
C GLY A 300 -31.94 3.17 -3.83
N MET A 301 -32.18 4.36 -3.26
CA MET A 301 -31.67 4.75 -1.95
C MET A 301 -32.50 5.95 -1.44
N GLU A 302 -33.05 5.83 -0.23
CA GLU A 302 -33.86 6.84 0.43
C GLU A 302 -33.16 7.25 1.70
N LEU A 303 -33.45 8.47 2.12
CA LEU A 303 -32.84 9.11 3.28
C LEU A 303 -33.89 9.13 4.38
N TYR A 304 -33.50 8.91 5.64
CA TYR A 304 -34.39 8.93 6.79
C TYR A 304 -33.71 9.66 7.95
N VAL A 305 -34.45 10.26 8.88
CA VAL A 305 -33.86 10.95 10.00
C VAL A 305 -34.75 10.71 11.23
N ARG A 306 -34.13 10.76 12.39
CA ARG A 306 -34.79 10.71 13.70
C ARG A 306 -34.01 11.64 14.63
N TYR A 307 -34.66 12.57 15.33
CA TYR A 307 -33.96 13.43 16.28
C TYR A 307 -34.11 12.80 17.66
N ASP A 308 -33.01 12.77 18.37
CA ASP A 308 -32.89 12.31 19.73
C ASP A 308 -33.45 10.93 20.04
N GLY A 309 -33.80 10.64 21.29
CA GLY A 309 -34.32 9.34 21.67
C GLY A 309 -33.21 8.30 21.82
N ASP A 310 -33.55 7.02 21.96
CA ASP A 310 -32.57 5.97 22.05
C ASP A 310 -32.84 4.95 20.94
N PRO A 311 -31.93 4.82 19.96
CA PRO A 311 -32.05 3.84 18.88
C PRO A 311 -32.28 2.42 19.37
N TRP A 312 -31.79 2.07 20.56
CA TRP A 312 -31.94 0.74 21.08
C TRP A 312 -33.35 0.51 21.58
N THR A 313 -34.09 1.53 22.03
CA THR A 313 -35.42 1.30 22.61
C THR A 313 -36.60 1.83 21.81
N ASP A 314 -36.34 2.72 20.85
CA ASP A 314 -37.40 3.40 20.12
C ASP A 314 -37.91 2.62 18.95
N SER A 315 -39.18 2.32 18.99
CA SER A 315 -39.81 1.52 17.96
C SER A 315 -40.36 2.35 16.80
N ASP A 316 -40.43 3.64 17.02
CA ASP A 316 -40.95 4.62 16.10
C ASP A 316 -40.34 4.55 14.73
N ALA A 317 -41.20 4.79 13.76
CA ALA A 317 -40.76 4.87 12.38
C ALA A 317 -39.82 6.03 12.17
N LEU A 318 -38.79 5.85 11.37
CA LEU A 318 -37.89 6.95 11.05
C LEU A 318 -38.61 7.84 10.03
N ALA A 319 -38.32 9.14 10.01
CA ALA A 319 -38.97 10.08 9.07
C ALA A 319 -38.29 10.07 7.71
N HIS A 320 -39.06 9.67 6.68
CA HIS A 320 -38.61 9.68 5.31
C HIS A 320 -38.25 11.09 4.91
N SER A 321 -37.02 11.19 4.40
CA SER A 321 -36.44 12.46 4.02
C SER A 321 -36.00 12.64 2.58
N GLY A 322 -36.45 11.82 1.64
CA GLY A 322 -36.28 12.13 0.23
C GLY A 322 -35.59 10.98 -0.44
N VAL A 323 -35.77 10.90 -1.74
CA VAL A 323 -35.25 9.84 -2.61
C VAL A 323 -33.92 10.37 -3.20
N MET A 324 -32.83 9.67 -2.87
CA MET A 324 -31.53 10.07 -3.39
C MET A 324 -31.31 9.35 -4.69
N VAL A 325 -31.67 8.07 -4.79
CA VAL A 325 -31.48 7.26 -5.99
C VAL A 325 -32.83 6.58 -6.24
N SER A 326 -33.38 6.66 -7.44
CA SER A 326 -34.68 6.07 -7.74
C SER A 326 -34.50 4.56 -7.83
N MET A 327 -35.61 3.86 -7.91
CA MET A 327 -35.56 2.44 -7.96
C MET A 327 -34.99 1.90 -9.24
N LYS A 328 -34.87 2.75 -10.27
CA LYS A 328 -34.35 2.33 -11.55
C LYS A 328 -32.82 2.29 -11.54
N GLU A 329 -32.19 2.84 -10.52
CA GLU A 329 -30.76 3.00 -10.50
C GLU A 329 -30.16 2.13 -9.41
N PRO A 330 -28.90 1.65 -9.49
CA PRO A 330 -28.25 0.86 -8.42
C PRO A 330 -28.05 1.63 -7.13
N GLY A 331 -28.28 0.98 -5.99
CA GLY A 331 -28.06 1.57 -4.70
C GLY A 331 -27.37 0.48 -3.91
N TRP A 332 -26.03 0.50 -3.78
CA TRP A 332 -25.36 -0.55 -3.06
C TRP A 332 -24.83 0.00 -1.74
N TYR A 333 -23.53 -0.03 -1.40
CA TYR A 333 -23.13 0.39 -0.06
C TYR A 333 -23.34 1.88 0.16
N SER A 334 -23.63 2.33 1.36
CA SER A 334 -23.67 3.75 1.62
C SER A 334 -22.92 3.94 2.93
N PHE A 335 -22.52 5.18 3.18
CA PHE A 335 -21.60 5.46 4.29
C PHE A 335 -21.80 6.91 4.68
N GLY A 336 -21.47 7.27 5.92
CA GLY A 336 -21.60 8.68 6.28
C GLY A 336 -20.21 9.27 6.33
N PHE A 337 -20.03 10.58 6.24
CA PHE A 337 -18.75 11.20 6.46
C PHE A 337 -19.05 12.68 6.73
N GLU A 338 -18.06 13.42 7.22
CA GLU A 338 -18.25 14.82 7.59
C GLU A 338 -17.17 15.68 6.96
N ILE A 339 -17.56 16.82 6.42
CA ILE A 339 -16.67 17.75 5.80
C ILE A 339 -16.44 18.82 6.84
N LYS A 340 -15.21 19.29 6.98
CA LYS A 340 -14.88 20.30 7.96
C LYS A 340 -15.04 21.69 7.32
N ASP A 341 -16.10 22.43 7.69
CA ASP A 341 -16.17 23.83 7.32
C ASP A 341 -15.32 24.61 8.33
N LYS A 342 -15.19 25.93 8.21
CA LYS A 342 -14.34 26.77 9.08
C LYS A 342 -14.60 26.60 10.56
N LYS A 343 -15.86 26.66 10.96
CA LYS A 343 -16.24 26.62 12.36
C LYS A 343 -17.15 25.46 12.69
N CYS A 344 -17.59 24.59 11.76
CA CYS A 344 -18.62 23.58 12.05
C CYS A 344 -18.46 22.42 11.06
N ASP A 345 -19.04 21.25 11.36
CA ASP A 345 -18.90 20.08 10.51
C ASP A 345 -20.14 19.84 9.67
N VAL A 346 -19.96 19.44 8.41
CA VAL A 346 -21.07 19.22 7.48
C VAL A 346 -21.21 17.71 7.31
N PRO A 347 -22.31 17.13 7.76
CA PRO A 347 -22.65 15.72 7.59
C PRO A 347 -23.06 15.42 6.16
N CYS A 348 -22.57 14.30 5.62
CA CYS A 348 -22.91 13.87 4.27
C CYS A 348 -23.07 12.36 4.28
N ILE A 349 -23.77 11.85 3.28
CA ILE A 349 -23.93 10.43 3.05
C ILE A 349 -23.48 10.22 1.63
N GLY A 350 -22.60 9.25 1.41
CA GLY A 350 -22.17 8.86 0.07
C GLY A 350 -22.81 7.51 -0.27
N ILE A 351 -23.05 7.26 -1.56
CA ILE A 351 -23.72 6.07 -2.04
C ILE A 351 -22.89 5.45 -3.12
N GLU A 352 -22.58 4.16 -2.98
CA GLU A 352 -21.90 3.38 -3.98
C GLU A 352 -22.98 2.96 -4.96
N MET A 353 -22.82 3.23 -6.25
CA MET A 353 -23.83 2.88 -7.24
C MET A 353 -23.09 1.93 -8.19
N VAL A 354 -23.23 0.62 -7.97
CA VAL A 354 -22.45 -0.32 -8.74
C VAL A 354 -23.00 -0.54 -10.13
N HIS A 355 -22.15 -0.64 -11.14
CA HIS A 355 -22.51 -1.02 -12.49
C HIS A 355 -22.34 -2.55 -12.48
N ASP A 356 -23.46 -3.28 -12.45
CA ASP A 356 -23.38 -4.71 -12.36
C ASP A 356 -23.99 -5.29 -13.60
N GLY A 357 -23.12 -5.97 -14.32
CA GLY A 357 -23.52 -6.67 -15.52
C GLY A 357 -23.27 -8.16 -15.35
N GLY A 358 -23.08 -8.64 -14.13
CA GLY A 358 -22.76 -10.04 -13.90
C GLY A 358 -21.27 -10.33 -14.14
N LYS A 359 -20.90 -11.60 -13.99
CA LYS A 359 -19.50 -11.98 -14.04
C LYS A 359 -18.92 -11.97 -15.44
N LYS A 360 -19.73 -11.86 -16.49
CA LYS A 360 -19.14 -11.86 -17.82
C LYS A 360 -18.62 -10.51 -18.28
N THR A 361 -18.76 -9.46 -17.47
CA THR A 361 -18.21 -8.16 -17.87
C THR A 361 -17.58 -7.48 -16.66
N TRP A 362 -17.09 -6.24 -16.84
CA TRP A 362 -16.50 -5.47 -15.77
C TRP A 362 -17.53 -5.14 -14.70
N HIS A 363 -17.06 -4.90 -13.47
CA HIS A 363 -17.91 -4.68 -12.32
C HIS A 363 -17.29 -3.51 -11.59
N SER A 364 -17.89 -2.34 -11.49
CA SER A 364 -17.27 -1.21 -10.81
C SER A 364 -18.36 -0.28 -10.26
N ALA A 365 -18.09 0.98 -9.85
CA ALA A 365 -19.13 1.74 -9.18
C ALA A 365 -18.92 3.25 -9.29
N ALA A 366 -20.03 3.97 -9.32
CA ALA A 366 -20.01 5.41 -9.23
C ALA A 366 -20.22 5.75 -7.74
N THR A 367 -19.92 6.97 -7.26
CA THR A 367 -20.13 7.37 -5.88
C THR A 367 -21.00 8.61 -5.97
N ALA A 368 -22.15 8.62 -5.33
CA ALA A 368 -23.01 9.80 -5.29
C ALA A 368 -22.92 10.39 -3.89
N ILE A 369 -22.90 11.74 -3.72
CA ILE A 369 -22.81 12.38 -2.40
C ILE A 369 -23.99 13.34 -2.19
N TYR A 370 -24.60 13.23 -1.01
CA TYR A 370 -25.64 14.11 -0.54
C TYR A 370 -25.16 14.69 0.76
N CYS A 371 -25.33 15.99 1.01
CA CYS A 371 -24.92 16.58 2.28
C CYS A 371 -26.02 17.49 2.82
N LEU A 372 -26.02 17.68 4.15
CA LEU A 372 -26.90 18.63 4.84
C LEU A 372 -26.62 20.03 4.28
N MET A 373 -27.59 20.71 3.67
CA MET A 373 -27.41 22.09 3.28
C MET A 373 -28.78 22.76 3.10
N GLY A 374 -28.90 23.87 3.82
CA GLY A 374 -30.09 24.71 3.78
C GLY A 374 -31.29 24.03 4.42
N SER A 375 -32.46 24.54 4.11
CA SER A 375 -33.73 24.07 4.66
C SER A 375 -34.64 23.57 3.54
N GLY A 376 -35.84 23.08 3.85
CA GLY A 376 -36.76 22.64 2.85
C GLY A 376 -36.76 21.13 2.75
N GLN A 377 -36.90 20.65 1.52
CA GLN A 377 -37.02 19.22 1.23
C GLN A 377 -35.90 18.85 0.28
N LEU A 378 -35.49 17.59 0.19
CA LEU A 378 -34.47 17.11 -0.76
C LEU A 378 -35.14 17.19 -2.12
N LEU A 379 -34.44 17.77 -3.09
CA LEU A 379 -35.05 18.03 -4.37
C LEU A 379 -34.70 17.12 -5.50
N TRP A 380 -33.51 16.54 -5.70
CA TRP A 380 -33.25 15.79 -6.93
C TRP A 380 -32.46 14.54 -6.61
N ASP A 381 -32.70 13.55 -7.45
CA ASP A 381 -32.09 12.25 -7.35
C ASP A 381 -30.86 12.18 -8.26
N THR A 382 -30.13 11.08 -8.15
CA THR A 382 -28.90 10.83 -8.88
C THR A 382 -28.96 9.61 -9.79
N VAL A 383 -28.47 9.76 -11.05
CA VAL A 383 -28.40 8.67 -12.00
C VAL A 383 -26.92 8.50 -12.35
N THR A 384 -26.39 7.33 -12.76
CA THR A 384 -24.97 7.28 -13.06
C THR A 384 -24.67 7.79 -14.47
N GLY A 385 -25.68 7.68 -15.35
CA GLY A 385 -25.58 8.01 -16.75
C GLY A 385 -24.71 7.02 -17.51
N VAL A 386 -24.37 5.84 -16.95
CA VAL A 386 -23.44 4.96 -17.66
C VAL A 386 -24.19 3.88 -18.43
N ASP A 387 -23.77 3.63 -19.68
CA ASP A 387 -24.21 2.50 -20.46
C ASP A 387 -23.04 1.50 -20.48
N MET A 388 -23.27 0.37 -19.84
CA MET A 388 -22.24 -0.66 -19.70
C MET A 388 -21.91 -1.29 -21.02
N ALA A 389 -22.67 -1.15 -22.11
CA ALA A 389 -22.27 -1.76 -23.36
C ALA A 389 -21.16 -0.98 -24.04
N LEU A 390 -20.90 0.30 -23.72
CA LEU A 390 -19.96 1.11 -24.48
C LEU A 390 -18.49 0.91 -24.14
N GLU B 1 18.37 25.10 8.60
CA GLU B 1 17.86 24.45 7.40
C GLU B 1 17.20 23.20 7.98
N PRO B 2 16.64 22.24 7.22
CA PRO B 2 16.38 20.88 7.70
C PRO B 2 17.70 20.28 8.16
N GLU B 3 17.63 19.35 9.08
CA GLU B 3 18.87 18.79 9.47
C GLU B 3 19.11 17.48 8.74
N TRP B 4 20.36 17.07 8.83
CA TRP B 4 20.79 15.91 8.11
C TRP B 4 20.17 14.68 8.71
N THR B 5 19.88 13.71 7.85
CA THR B 5 19.44 12.38 8.23
C THR B 5 20.59 11.54 8.84
N TYR B 6 20.21 10.68 9.82
CA TYR B 6 21.05 9.67 10.47
C TYR B 6 20.21 8.40 10.55
N PRO B 7 20.76 7.19 10.50
CA PRO B 7 19.98 5.98 10.76
C PRO B 7 19.51 6.04 12.21
N ARG B 8 18.27 5.65 12.49
CA ARG B 8 17.72 5.60 13.83
C ARG B 8 17.43 4.14 14.16
N LEU B 9 17.01 3.83 15.39
CA LEU B 9 16.58 2.50 15.70
C LEU B 9 15.32 2.17 14.87
N SER B 10 15.22 0.90 14.50
CA SER B 10 14.12 0.45 13.67
C SER B 10 12.84 0.47 14.50
N CYS B 11 11.69 0.59 13.84
CA CYS B 11 10.40 0.50 14.52
C CYS B 11 10.23 -0.94 15.02
N GLN B 12 9.43 -1.11 16.05
CA GLN B 12 9.22 -2.42 16.66
C GLN B 12 8.50 -3.37 15.71
N GLY B 13 8.87 -4.65 15.70
CA GLY B 13 8.21 -5.64 14.87
C GLY B 13 9.11 -6.83 14.73
N SER B 14 8.61 -7.97 14.24
CA SER B 14 9.47 -9.13 14.11
C SER B 14 9.22 -9.97 12.86
N THR B 15 8.33 -9.55 11.95
CA THR B 15 8.14 -10.31 10.73
C THR B 15 7.87 -9.27 9.65
N PHE B 16 8.10 -9.66 8.42
CA PHE B 16 7.75 -8.82 7.29
C PHE B 16 6.37 -9.21 6.82
N GLN B 17 5.68 -8.34 6.10
CA GLN B 17 4.38 -8.66 5.56
C GLN B 17 4.28 -7.89 4.26
N LYS B 18 3.39 -8.42 3.40
CA LYS B 18 3.11 -7.84 2.08
C LYS B 18 2.54 -6.45 2.26
N ALA B 19 3.22 -5.50 1.61
CA ALA B 19 2.82 -4.12 1.74
C ALA B 19 2.15 -3.55 0.52
N LEU B 20 2.81 -3.67 -0.64
CA LEU B 20 2.37 -2.94 -1.82
C LEU B 20 2.93 -3.54 -3.05
N LEU B 21 2.11 -3.63 -4.09
CA LEU B 21 2.58 -4.04 -5.41
C LEU B 21 2.38 -2.84 -6.36
N ILE B 22 3.40 -2.45 -7.12
CA ILE B 22 3.29 -1.50 -8.23
C ILE B 22 3.44 -2.35 -9.50
N SER B 23 2.32 -2.56 -10.19
CA SER B 23 2.35 -3.41 -11.38
C SER B 23 1.86 -2.62 -12.58
N PRO B 24 2.70 -1.84 -13.25
CA PRO B 24 2.31 -0.82 -14.23
C PRO B 24 1.66 -1.46 -15.45
N HIS B 25 2.13 -2.67 -15.74
CA HIS B 25 1.68 -3.30 -16.96
C HIS B 25 0.32 -3.97 -16.78
N ARG B 26 -0.34 -3.89 -15.60
CA ARG B 26 -1.75 -4.28 -15.48
C ARG B 26 -2.60 -3.30 -16.31
N PHE B 27 -2.01 -2.15 -16.75
CA PHE B 27 -2.71 -1.13 -17.52
C PHE B 27 -2.12 -0.95 -18.92
N GLY B 28 -1.33 -1.91 -19.40
CA GLY B 28 -0.65 -1.74 -20.69
C GLY B 28 -1.22 -2.51 -21.90
N GLU B 29 -2.49 -2.94 -21.80
CA GLU B 29 -3.15 -3.72 -22.84
C GLU B 29 -3.28 -2.86 -24.08
N ALA B 30 -3.16 -3.45 -25.25
CA ALA B 30 -3.34 -2.74 -26.49
C ALA B 30 -4.70 -2.06 -26.60
N ARG B 31 -5.72 -2.57 -25.91
CA ARG B 31 -7.02 -1.95 -25.96
C ARG B 31 -7.27 -0.98 -24.82
N GLY B 32 -6.30 -0.78 -23.94
CA GLY B 32 -6.45 0.14 -22.82
C GLY B 32 -5.92 1.48 -23.26
N ASN B 33 -5.95 2.42 -22.35
CA ASN B 33 -5.61 3.80 -22.69
C ASN B 33 -4.43 4.28 -21.84
N SER B 34 -3.60 3.41 -21.31
CA SER B 34 -2.53 3.91 -20.47
C SER B 34 -1.16 3.83 -21.10
N ALA B 35 -0.16 4.50 -20.50
CA ALA B 35 1.18 4.45 -21.00
C ALA B 35 2.22 4.15 -19.90
N PRO B 36 2.22 2.93 -19.31
CA PRO B 36 3.25 2.53 -18.35
C PRO B 36 4.60 2.55 -19.08
N LEU B 37 5.65 3.07 -18.44
CA LEU B 37 7.00 3.02 -19.01
C LEU B 37 7.65 1.63 -18.92
N ILE B 38 8.43 1.25 -19.93
CA ILE B 38 9.19 0.02 -19.96
C ILE B 38 10.48 0.31 -19.20
N ILE B 39 10.62 -0.42 -18.12
CA ILE B 39 11.70 -0.27 -17.15
C ILE B 39 12.35 -1.61 -16.75
N ARG B 40 13.49 -1.51 -16.08
CA ARG B 40 14.09 -2.59 -15.30
C ARG B 40 14.94 -1.87 -14.24
N GLU B 41 15.53 -2.61 -13.30
CA GLU B 41 16.30 -2.14 -12.17
C GLU B 41 15.56 -1.08 -11.35
N PRO B 42 14.32 -1.35 -10.88
CA PRO B 42 13.63 -0.47 -9.96
C PRO B 42 14.30 -0.48 -8.59
N PHE B 43 14.24 0.65 -7.89
CA PHE B 43 14.61 0.66 -6.49
C PHE B 43 13.87 1.84 -5.87
N ILE B 44 13.81 1.82 -4.54
CA ILE B 44 13.11 2.84 -3.78
C ILE B 44 14.09 3.46 -2.80
N ALA B 45 14.00 4.77 -2.61
CA ALA B 45 14.81 5.47 -1.61
C ALA B 45 13.85 6.47 -0.97
N CYS B 46 13.98 6.72 0.34
CA CYS B 46 13.06 7.62 1.01
C CYS B 46 13.79 8.74 1.72
N GLY B 47 13.16 9.90 1.70
CA GLY B 47 13.59 11.01 2.51
C GLY B 47 12.67 11.06 3.74
N PRO B 48 12.72 12.11 4.56
CA PRO B 48 11.95 12.22 5.81
C PRO B 48 10.44 12.13 5.59
N LYS B 49 9.91 12.66 4.50
CA LYS B 49 8.47 12.77 4.28
C LYS B 49 7.98 11.89 3.13
N GLU B 50 8.79 11.46 2.17
CA GLU B 50 8.25 10.70 1.05
C GLU B 50 9.32 9.77 0.52
N CYS B 51 8.85 8.81 -0.23
CA CYS B 51 9.68 7.84 -0.88
C CYS B 51 9.52 8.05 -2.37
N LYS B 52 10.58 7.82 -3.16
CA LYS B 52 10.48 7.85 -4.61
C LYS B 52 10.80 6.46 -5.12
N HIS B 53 10.10 6.05 -6.15
CA HIS B 53 10.29 4.77 -6.76
C HIS B 53 11.05 5.11 -8.05
N PHE B 54 12.30 4.67 -8.13
CA PHE B 54 13.18 4.90 -9.27
C PHE B 54 13.24 3.68 -10.18
N ALA B 55 13.63 3.88 -11.43
CA ALA B 55 13.89 2.76 -12.35
C ALA B 55 14.67 3.28 -13.56
N LEU B 56 15.24 2.36 -14.34
CA LEU B 56 15.92 2.79 -15.55
C LEU B 56 14.99 2.49 -16.69
N THR B 57 14.44 3.52 -17.33
CA THR B 57 13.54 3.27 -18.43
C THR B 57 14.31 3.09 -19.73
N HIS B 58 13.67 2.38 -20.66
CA HIS B 58 14.13 2.29 -22.03
C HIS B 58 13.50 3.41 -22.89
N TYR B 59 12.81 4.38 -22.27
CA TYR B 59 12.25 5.55 -22.95
C TYR B 59 11.22 5.11 -23.99
N ALA B 60 10.34 4.22 -23.52
CA ALA B 60 9.34 3.59 -24.37
C ALA B 60 8.22 3.17 -23.44
N ALA B 61 6.99 3.15 -23.99
CA ALA B 61 5.82 2.73 -23.22
C ALA B 61 5.13 1.49 -23.79
N GLN B 62 4.21 0.88 -23.05
CA GLN B 62 3.44 -0.24 -23.57
C GLN B 62 1.99 0.25 -23.49
N PRO B 63 1.13 0.19 -24.53
CA PRO B 63 1.49 -0.28 -25.87
C PRO B 63 2.36 0.71 -26.62
N GLY B 64 3.19 0.23 -27.55
CA GLY B 64 4.05 1.14 -28.27
C GLY B 64 4.78 0.43 -29.38
N GLY B 65 5.67 1.11 -30.10
CA GLY B 65 6.32 0.55 -31.25
C GLY B 65 7.79 0.43 -31.00
N TYR B 66 8.32 0.60 -29.79
CA TYR B 66 9.77 0.54 -29.59
C TYR B 66 10.18 -0.59 -28.65
N TYR B 67 9.57 -1.76 -28.80
CA TYR B 67 9.90 -2.91 -27.94
C TYR B 67 11.25 -3.50 -28.31
N ASN B 68 11.75 -3.39 -29.54
CA ASN B 68 13.04 -3.98 -29.87
C ASN B 68 14.13 -3.27 -29.11
N GLY B 69 15.05 -4.04 -28.50
CA GLY B 69 16.13 -3.46 -27.75
C GLY B 69 15.76 -3.32 -26.27
N THR B 70 14.52 -3.53 -25.82
CA THR B 70 14.23 -3.34 -24.41
C THR B 70 14.73 -4.50 -23.53
N ARG B 71 15.37 -5.53 -24.09
CA ARG B 71 15.95 -6.54 -23.26
C ARG B 71 17.44 -6.29 -23.20
N GLU B 72 18.01 -5.23 -23.81
CA GLU B 72 19.43 -4.94 -23.68
C GLU B 72 19.58 -4.11 -22.41
N ASP B 73 20.80 -4.13 -21.87
CA ASP B 73 21.05 -3.38 -20.65
C ASP B 73 21.58 -1.98 -20.87
N ARG B 74 22.30 -1.67 -21.93
CA ARG B 74 22.88 -0.33 -22.02
C ARG B 74 22.70 0.19 -23.43
N ASN B 75 22.37 1.46 -23.55
CA ASN B 75 22.19 2.11 -24.85
C ASN B 75 22.08 3.61 -24.57
N LYS B 76 22.00 4.40 -25.65
CA LYS B 76 21.94 5.87 -25.61
C LYS B 76 20.63 6.50 -25.16
N LEU B 77 19.61 5.67 -24.96
CA LEU B 77 18.26 6.11 -24.63
C LEU B 77 17.88 5.92 -23.19
N ARG B 78 18.47 4.92 -22.50
CA ARG B 78 18.06 4.63 -21.13
C ARG B 78 18.22 5.83 -20.21
N HIS B 79 17.17 6.04 -19.41
CA HIS B 79 17.13 7.16 -18.47
C HIS B 79 16.71 6.73 -17.07
N LEU B 80 17.26 7.42 -16.05
CA LEU B 80 16.84 7.25 -14.65
C LEU B 80 15.59 8.11 -14.45
N ILE B 81 14.48 7.48 -14.10
CA ILE B 81 13.23 8.19 -13.88
C ILE B 81 12.72 7.96 -12.47
N SER B 82 11.79 8.78 -11.95
CA SER B 82 11.09 8.42 -10.70
C SER B 82 9.65 8.89 -10.75
N VAL B 83 8.90 8.30 -9.81
CA VAL B 83 7.57 8.72 -9.42
C VAL B 83 7.56 8.72 -7.90
N LYS B 84 6.63 9.45 -7.29
CA LYS B 84 6.41 9.30 -5.86
C LYS B 84 5.95 7.85 -5.62
N LEU B 85 6.47 7.11 -4.63
CA LEU B 85 6.04 5.74 -4.37
C LEU B 85 4.51 5.67 -4.15
N GLY B 86 3.84 4.80 -4.89
CA GLY B 86 2.39 4.75 -4.80
C GLY B 86 1.74 5.23 -6.09
N LYS B 87 2.50 5.99 -6.86
CA LYS B 87 2.05 6.36 -8.20
C LYS B 87 2.48 5.31 -9.23
N ILE B 88 1.70 5.11 -10.29
CA ILE B 88 2.04 4.23 -11.41
C ILE B 88 3.01 4.98 -12.34
N PRO B 89 4.23 4.43 -12.64
CA PRO B 89 5.26 5.15 -13.40
C PRO B 89 4.88 5.21 -14.89
N THR B 90 4.07 6.17 -15.31
CA THR B 90 3.66 6.28 -16.71
C THR B 90 4.48 7.39 -17.32
N VAL B 91 4.25 7.62 -18.63
CA VAL B 91 4.89 8.70 -19.35
C VAL B 91 4.62 10.05 -18.67
N GLU B 92 3.40 10.34 -18.22
CA GLU B 92 3.10 11.65 -17.64
C GLU B 92 3.37 11.75 -16.14
N ASN B 93 3.26 10.64 -15.41
CA ASN B 93 3.58 10.65 -13.98
C ASN B 93 5.08 10.73 -13.68
N SER B 94 5.93 10.21 -14.56
CA SER B 94 7.36 10.15 -14.27
C SER B 94 8.13 11.43 -14.50
N ILE B 95 9.27 11.53 -13.81
CA ILE B 95 10.21 12.65 -13.94
C ILE B 95 11.41 11.97 -14.56
N PHE B 96 12.01 12.57 -15.56
CA PHE B 96 13.22 12.07 -16.18
C PHE B 96 14.37 12.87 -15.60
N HIS B 97 15.17 12.19 -14.76
CA HIS B 97 16.29 12.83 -14.10
C HIS B 97 17.56 13.04 -14.90
N MET B 98 18.01 12.03 -15.67
CA MET B 98 19.26 12.10 -16.42
C MET B 98 19.41 10.84 -17.26
N ALA B 99 20.24 10.94 -18.30
CA ALA B 99 20.52 9.82 -19.18
C ALA B 99 21.40 8.89 -18.35
N ALA B 100 21.04 7.60 -18.27
CA ALA B 100 21.79 6.67 -17.42
C ALA B 100 21.37 5.24 -17.75
N TRP B 101 22.34 4.31 -17.79
CA TRP B 101 21.98 2.90 -17.91
C TRP B 101 22.42 2.12 -16.67
N SER B 102 22.83 2.82 -15.59
CA SER B 102 23.03 2.25 -14.27
C SER B 102 22.77 3.39 -13.28
N GLY B 103 22.17 3.10 -12.12
CA GLY B 103 21.76 4.18 -11.22
C GLY B 103 21.75 3.90 -9.72
N SER B 104 21.62 5.02 -9.00
CA SER B 104 21.43 5.04 -7.57
C SER B 104 20.88 6.44 -7.20
N ALA B 105 20.33 6.63 -6.00
CA ALA B 105 19.88 7.93 -5.52
C ALA B 105 19.65 7.80 -4.00
N CYS B 106 19.67 8.90 -3.30
CA CYS B 106 19.43 8.87 -1.88
C CYS B 106 19.24 10.31 -1.43
N HIS B 107 18.54 10.42 -0.31
CA HIS B 107 18.22 11.72 0.28
C HIS B 107 19.07 11.89 1.54
N ASP B 108 19.59 13.08 1.75
CA ASP B 108 20.49 13.30 2.89
C ASP B 108 19.81 14.06 4.05
N GLY B 109 18.52 14.33 3.89
CA GLY B 109 17.80 15.09 4.89
C GLY B 109 17.42 16.47 4.36
N ARG B 110 18.25 17.01 3.48
CA ARG B 110 17.99 18.29 2.84
C ARG B 110 17.65 18.19 1.37
N GLU B 111 18.29 17.32 0.57
CA GLU B 111 18.07 17.23 -0.87
C GLU B 111 18.39 15.84 -1.38
N TRP B 112 17.82 15.53 -2.55
CA TRP B 112 18.04 14.34 -3.32
C TRP B 112 19.34 14.40 -4.12
N THR B 113 20.13 13.34 -3.99
CA THR B 113 21.30 13.13 -4.82
C THR B 113 20.91 12.03 -5.82
N TYR B 114 21.04 12.27 -7.10
CA TYR B 114 20.76 11.28 -8.14
C TYR B 114 22.07 10.91 -8.82
N ILE B 115 22.25 9.63 -9.11
CA ILE B 115 23.51 9.15 -9.64
C ILE B 115 23.18 8.36 -10.91
N GLY B 116 23.79 8.63 -12.06
CA GLY B 116 23.55 7.81 -13.25
C GLY B 116 24.86 7.57 -14.01
N VAL B 117 25.01 6.41 -14.64
CA VAL B 117 26.21 6.10 -15.40
C VAL B 117 25.79 6.04 -16.84
N ASP B 118 26.53 6.70 -17.74
CA ASP B 118 26.35 6.38 -19.13
C ASP B 118 27.68 6.58 -19.86
N GLY B 119 27.69 6.58 -21.17
CA GLY B 119 28.95 6.61 -21.90
C GLY B 119 29.22 5.24 -22.53
N PRO B 120 30.24 5.14 -23.38
CA PRO B 120 30.62 3.89 -24.02
C PRO B 120 31.12 2.90 -22.98
N ASP B 121 30.99 1.62 -23.27
CA ASP B 121 31.39 0.57 -22.33
C ASP B 121 32.81 0.67 -21.88
N SER B 122 33.70 1.06 -22.77
CA SER B 122 35.11 1.11 -22.41
C SER B 122 35.51 2.38 -21.68
N ASN B 123 34.55 3.29 -21.47
CA ASN B 123 34.90 4.60 -20.96
C ASN B 123 33.65 5.25 -20.39
N ALA B 124 32.97 4.61 -19.48
CA ALA B 124 31.74 5.16 -18.97
C ALA B 124 32.04 6.16 -17.88
N LEU B 125 30.97 6.80 -17.44
CA LEU B 125 31.05 7.98 -16.58
C LEU B 125 29.95 8.00 -15.52
N ILE B 126 30.32 8.13 -14.23
CA ILE B 126 29.38 8.33 -13.13
C ILE B 126 29.03 9.82 -13.17
N LYS B 127 27.76 10.24 -13.16
CA LYS B 127 27.35 11.63 -13.16
C LYS B 127 26.48 11.83 -11.92
N ILE B 128 26.70 12.91 -11.19
CA ILE B 128 25.98 13.14 -9.95
C ILE B 128 25.21 14.43 -10.09
N LYS B 129 23.98 14.42 -9.58
CA LYS B 129 23.09 15.56 -9.61
C LYS B 129 22.60 15.79 -8.17
N TYR B 130 22.56 17.04 -7.74
CA TYR B 130 22.05 17.37 -6.42
C TYR B 130 20.86 18.27 -6.73
N GLY B 131 19.69 17.71 -6.47
CA GLY B 131 18.45 18.40 -6.84
C GLY B 131 18.40 18.52 -8.35
N GLU B 132 18.33 19.77 -8.82
CA GLU B 132 18.30 20.06 -10.23
C GLU B 132 19.68 20.21 -10.85
N ALA B 133 20.72 20.43 -10.06
CA ALA B 133 21.98 20.82 -10.62
C ALA B 133 22.88 19.61 -10.87
N TYR B 134 23.59 19.54 -12.00
CA TYR B 134 24.57 18.50 -12.26
C TYR B 134 25.84 19.05 -11.59
N THR B 135 26.43 18.24 -10.67
CA THR B 135 27.51 18.71 -9.84
C THR B 135 28.84 18.04 -9.96
N ASP B 136 28.94 16.78 -10.41
CA ASP B 136 30.27 16.18 -10.47
C ASP B 136 30.23 14.90 -11.31
N THR B 137 31.40 14.40 -11.74
CA THR B 137 31.48 13.13 -12.45
C THR B 137 32.68 12.34 -11.90
N TYR B 138 32.78 11.04 -12.25
CA TYR B 138 33.87 10.20 -11.86
C TYR B 138 34.06 9.28 -13.06
N HIS B 139 35.32 9.10 -13.43
CA HIS B 139 35.68 8.35 -14.65
C HIS B 139 35.92 6.85 -14.51
N SER B 140 35.74 6.10 -15.59
CA SER B 140 36.09 4.68 -15.60
C SER B 140 37.57 4.44 -15.22
N TYR B 141 37.89 3.54 -14.28
CA TYR B 141 39.27 3.26 -13.84
C TYR B 141 39.76 1.90 -14.35
N ALA B 142 38.88 1.01 -14.83
CA ALA B 142 39.32 -0.24 -15.38
C ALA B 142 38.78 -0.41 -16.81
N ASN B 143 38.07 0.59 -17.35
CA ASN B 143 37.59 0.64 -18.71
C ASN B 143 36.78 -0.54 -19.15
N ASN B 144 35.83 -0.99 -18.33
CA ASN B 144 35.02 -2.10 -18.73
C ASN B 144 33.77 -2.06 -17.87
N ILE B 145 32.88 -1.26 -18.39
CA ILE B 145 31.54 -0.99 -17.87
C ILE B 145 31.50 -0.60 -16.41
N LEU B 146 32.01 0.63 -16.20
CA LEU B 146 31.86 1.33 -14.93
C LEU B 146 30.35 1.30 -14.63
N ARG B 147 29.99 0.99 -13.40
CA ARG B 147 28.58 0.76 -13.08
C ARG B 147 28.37 0.92 -11.58
N THR B 148 27.11 0.97 -11.11
CA THR B 148 26.89 1.20 -9.71
C THR B 148 25.78 0.29 -9.13
N GLN B 149 25.14 0.71 -8.04
CA GLN B 149 24.33 -0.16 -7.24
C GLN B 149 23.04 -0.72 -7.75
N GLU B 150 22.27 0.08 -8.49
CA GLU B 150 20.86 -0.19 -8.82
C GLU B 150 20.01 -0.20 -7.56
N SER B 151 20.45 0.55 -6.53
CA SER B 151 19.66 0.69 -5.29
C SER B 151 20.18 1.93 -4.56
N ALA B 152 19.50 2.31 -3.50
CA ALA B 152 19.79 3.54 -2.79
C ALA B 152 21.19 3.62 -2.22
N CYS B 153 21.76 4.82 -2.41
CA CYS B 153 22.95 5.16 -1.66
C CYS B 153 22.58 5.56 -0.24
N ASN B 154 23.55 5.92 0.61
CA ASN B 154 23.29 6.02 2.05
C ASN B 154 23.99 7.21 2.64
N CYS B 155 23.23 8.08 3.27
CA CYS B 155 23.76 9.33 3.80
C CYS B 155 23.67 9.36 5.32
N ILE B 156 24.72 9.88 5.95
CA ILE B 156 24.78 10.10 7.38
C ILE B 156 25.43 11.46 7.63
N GLY B 157 24.71 12.38 8.29
CA GLY B 157 25.26 13.69 8.62
C GLY B 157 25.71 14.47 7.40
N GLY B 158 25.05 14.22 6.26
CA GLY B 158 25.40 14.93 5.04
C GLY B 158 26.38 14.23 4.14
N ASP B 159 27.05 13.18 4.61
CA ASP B 159 27.97 12.44 3.76
C ASP B 159 27.26 11.22 3.23
N CYS B 160 27.22 11.07 1.90
CA CYS B 160 26.55 9.98 1.23
C CYS B 160 27.57 9.00 0.66
N TYR B 161 27.39 7.69 0.80
CA TYR B 161 28.35 6.70 0.33
C TYR B 161 27.70 5.88 -0.76
N LEU B 162 28.51 5.58 -1.77
CA LEU B 162 28.06 4.90 -2.97
C LEU B 162 29.05 3.85 -3.47
N MET B 163 28.65 2.60 -3.70
CA MET B 163 29.53 1.64 -4.35
C MET B 163 29.52 1.89 -5.85
N ILE B 164 30.72 1.84 -6.46
CA ILE B 164 30.87 1.80 -7.92
C ILE B 164 31.81 0.62 -8.22
N THR B 165 31.79 0.09 -9.42
CA THR B 165 32.71 -0.95 -9.79
C THR B 165 32.98 -0.84 -11.28
N ASP B 166 34.00 -1.55 -11.72
CA ASP B 166 34.47 -1.48 -13.08
C ASP B 166 35.34 -2.71 -13.30
N GLY B 167 35.13 -3.40 -14.40
CA GLY B 167 35.91 -4.59 -14.70
C GLY B 167 35.05 -5.59 -15.41
N SER B 168 35.68 -6.72 -15.73
CA SER B 168 35.02 -7.75 -16.46
C SER B 168 33.88 -8.41 -15.69
N ALA B 169 32.72 -8.58 -16.37
CA ALA B 169 31.62 -9.31 -15.78
C ALA B 169 32.04 -10.77 -15.52
N SER B 170 33.06 -11.32 -16.17
CA SER B 170 33.43 -12.70 -15.96
C SER B 170 34.89 -12.81 -15.55
N GLY B 171 35.35 -11.76 -14.85
CA GLY B 171 36.71 -11.67 -14.35
C GLY B 171 36.78 -10.73 -13.14
N ILE B 172 37.86 -9.97 -13.06
CA ILE B 172 38.10 -9.05 -11.96
C ILE B 172 37.26 -7.76 -12.09
N SER B 173 36.47 -7.39 -11.08
CA SER B 173 35.77 -6.12 -11.02
C SER B 173 35.97 -5.64 -9.58
N LYS B 174 37.03 -4.87 -9.31
CA LYS B 174 37.30 -4.42 -7.95
C LYS B 174 36.52 -3.14 -7.72
N CYS B 175 35.59 -3.14 -6.78
CA CYS B 175 34.80 -1.95 -6.50
C CYS B 175 35.55 -0.91 -5.69
N ARG B 176 34.99 0.29 -5.60
CA ARG B 176 35.50 1.35 -4.75
C ARG B 176 34.20 1.96 -4.19
N PHE B 177 34.33 2.77 -3.17
CA PHE B 177 33.21 3.53 -2.65
C PHE B 177 33.52 4.99 -2.84
N LEU B 178 32.53 5.80 -3.18
CA LEU B 178 32.73 7.24 -3.24
C LEU B 178 31.98 7.84 -2.05
N LYS B 179 32.54 8.90 -1.46
CA LYS B 179 31.95 9.65 -0.38
C LYS B 179 31.62 10.97 -1.04
N ILE B 180 30.34 11.34 -0.99
CA ILE B 180 29.73 12.44 -1.75
C ILE B 180 29.06 13.40 -0.78
N ARG B 181 29.28 14.71 -0.85
CA ARG B 181 28.62 15.61 0.06
C ARG B 181 28.13 16.75 -0.81
N GLU B 182 26.86 17.06 -0.69
CA GLU B 182 26.15 18.02 -1.53
C GLU B 182 26.45 17.87 -3.00
N GLY B 183 26.45 16.61 -3.49
CA GLY B 183 26.64 16.34 -4.91
C GLY B 183 28.09 16.29 -5.36
N ARG B 184 29.11 16.48 -4.53
CA ARG B 184 30.50 16.48 -5.00
C ARG B 184 31.27 15.39 -4.25
N ILE B 185 32.15 14.68 -4.96
CA ILE B 185 32.93 13.56 -4.45
C ILE B 185 34.06 14.15 -3.60
N ILE B 186 34.05 13.84 -2.32
CA ILE B 186 35.06 14.38 -1.47
C ILE B 186 36.04 13.31 -1.07
N LYS B 187 35.76 12.02 -1.30
CA LYS B 187 36.73 10.99 -1.02
C LYS B 187 36.47 9.72 -1.82
N GLU B 188 37.55 9.01 -2.17
CA GLU B 188 37.51 7.69 -2.79
C GLU B 188 37.98 6.72 -1.70
N ILE B 189 37.30 5.61 -1.47
CA ILE B 189 37.64 4.58 -0.45
C ILE B 189 37.98 3.29 -1.24
N PHE B 190 39.17 2.72 -1.09
CA PHE B 190 39.56 1.55 -1.84
C PHE B 190 39.49 0.43 -0.83
N PRO B 191 38.56 -0.51 -0.94
CA PRO B 191 38.39 -1.62 -0.01
C PRO B 191 39.59 -2.54 0.05
N THR B 192 39.73 -3.21 1.17
CA THR B 192 40.74 -4.20 1.37
C THR B 192 40.07 -5.59 1.49
N GLY B 193 40.79 -6.72 1.46
CA GLY B 193 40.17 -7.99 1.73
C GLY B 193 40.00 -8.85 0.50
N ARG B 194 38.84 -9.44 0.36
CA ARG B 194 38.54 -10.35 -0.72
C ARG B 194 37.87 -9.36 -1.67
N VAL B 195 38.69 -8.94 -2.63
CA VAL B 195 38.34 -7.85 -3.53
C VAL B 195 38.25 -8.19 -5.01
N GLU B 196 38.39 -9.44 -5.46
CA GLU B 196 38.45 -9.69 -6.89
C GLU B 196 37.19 -9.45 -7.72
N HIS B 197 35.97 -9.51 -7.18
CA HIS B 197 34.79 -9.19 -7.94
C HIS B 197 33.66 -8.83 -6.96
N THR B 198 33.26 -7.56 -6.95
CA THR B 198 32.17 -7.09 -6.12
C THR B 198 31.37 -6.15 -7.01
N GLU B 199 30.09 -6.36 -7.22
CA GLU B 199 29.23 -5.43 -7.97
C GLU B 199 27.81 -5.39 -7.38
N GLU B 200 27.00 -4.42 -7.84
CA GLU B 200 25.60 -4.29 -7.43
C GLU B 200 25.33 -4.45 -5.91
N CYS B 201 26.19 -3.83 -5.08
CA CYS B 201 26.01 -3.88 -3.63
C CYS B 201 24.69 -3.26 -3.22
N THR B 202 24.01 -3.95 -2.31
CA THR B 202 22.81 -3.44 -1.66
C THR B 202 23.34 -3.10 -0.26
N CYS B 203 23.33 -1.80 0.08
CA CYS B 203 23.97 -1.32 1.30
C CYS B 203 23.01 -0.61 2.26
N GLY B 204 23.27 -0.68 3.55
CA GLY B 204 22.45 0.01 4.55
C GLY B 204 23.28 0.22 5.80
N PHE B 205 22.70 0.92 6.75
CA PHE B 205 23.40 1.22 7.99
C PHE B 205 23.21 0.16 9.04
N ALA B 206 24.31 -0.42 9.52
CA ALA B 206 24.23 -1.34 10.64
C ALA B 206 24.22 -0.55 11.96
N SER B 207 24.76 0.67 11.98
CA SER B 207 24.82 1.55 13.14
C SER B 207 25.24 2.90 12.57
N ASN B 208 25.50 3.89 13.43
CA ASN B 208 26.03 5.17 12.99
C ASN B 208 27.51 5.07 12.60
N LYS B 209 28.13 3.92 12.81
CA LYS B 209 29.53 3.79 12.52
C LYS B 209 29.75 2.84 11.34
N THR B 210 28.82 1.99 10.92
CA THR B 210 29.14 1.01 9.92
C THR B 210 28.09 0.92 8.83
N ILE B 211 28.49 1.02 7.57
CA ILE B 211 27.60 0.66 6.46
C ILE B 211 27.95 -0.79 6.10
N GLU B 212 26.97 -1.67 5.91
CA GLU B 212 27.26 -3.03 5.46
C GLU B 212 26.59 -3.26 4.12
N CYS B 213 27.12 -4.10 3.23
CA CYS B 213 26.53 -4.32 1.93
C CYS B 213 26.56 -5.80 1.55
N ALA B 214 25.50 -6.33 0.98
CA ALA B 214 25.51 -7.70 0.45
C ALA B 214 25.53 -7.48 -1.06
N CYS B 215 26.59 -7.99 -1.71
CA CYS B 215 26.84 -7.72 -3.11
C CYS B 215 26.76 -8.97 -3.98
N ARG B 216 27.04 -8.82 -5.28
CA ARG B 216 26.98 -9.88 -6.27
C ARG B 216 28.40 -10.18 -6.75
N ASP B 217 28.79 -11.44 -6.90
CA ASP B 217 30.05 -11.78 -7.55
C ASP B 217 29.53 -12.48 -8.82
N ASN B 218 29.75 -11.85 -9.99
CA ASN B 218 29.22 -12.39 -11.21
C ASN B 218 30.14 -13.43 -11.84
N SER B 219 31.31 -13.64 -11.25
CA SER B 219 32.33 -14.47 -11.85
C SER B 219 32.74 -15.72 -11.07
N TYR B 220 33.07 -15.58 -9.79
CA TYR B 220 33.73 -16.63 -9.03
C TYR B 220 32.98 -17.42 -7.99
N THR B 221 31.85 -16.89 -7.49
CA THR B 221 31.19 -17.57 -6.40
C THR B 221 29.71 -17.22 -6.34
N ALA B 222 28.97 -18.10 -5.68
CA ALA B 222 27.57 -17.92 -5.37
C ALA B 222 27.36 -17.41 -3.93
N LYS B 223 28.47 -17.25 -3.16
CA LYS B 223 28.48 -16.58 -1.87
C LYS B 223 28.43 -15.10 -2.18
N ARG B 224 27.76 -14.27 -1.40
CA ARG B 224 27.78 -12.83 -1.65
C ARG B 224 29.00 -12.15 -0.99
N PRO B 225 29.78 -11.31 -1.72
CA PRO B 225 30.73 -10.39 -1.14
C PRO B 225 29.97 -9.57 -0.10
N PHE B 226 30.54 -9.45 1.10
CA PHE B 226 29.89 -8.70 2.14
C PHE B 226 30.91 -7.62 2.59
N VAL B 227 30.52 -6.37 2.38
CA VAL B 227 31.32 -5.20 2.71
C VAL B 227 30.99 -4.69 4.13
N LYS B 228 32.02 -4.28 4.87
CA LYS B 228 31.85 -3.57 6.12
C LYS B 228 32.66 -2.29 5.92
N LEU B 229 31.96 -1.18 5.83
CA LEU B 229 32.58 0.13 5.65
C LEU B 229 32.46 0.92 6.95
N ASN B 230 33.62 1.27 7.51
CA ASN B 230 33.66 2.07 8.71
C ASN B 230 33.54 3.54 8.30
N VAL B 231 32.46 4.18 8.71
CA VAL B 231 32.15 5.55 8.37
C VAL B 231 33.00 6.56 9.09
N GLU B 232 33.48 6.20 10.27
CA GLU B 232 34.34 7.11 11.02
C GLU B 232 35.73 7.22 10.45
N THR B 233 36.26 6.12 9.87
CA THR B 233 37.61 6.12 9.31
C THR B 233 37.70 6.09 7.78
N ASP B 234 36.54 5.90 7.15
CA ASP B 234 36.42 5.82 5.70
C ASP B 234 37.31 4.76 5.12
N THR B 235 37.13 3.57 5.68
CA THR B 235 37.88 2.41 5.22
C THR B 235 36.86 1.32 5.01
N ALA B 236 37.09 0.40 4.07
CA ALA B 236 36.17 -0.71 3.82
C ALA B 236 36.93 -2.04 3.74
N GLU B 237 36.36 -3.17 4.16
CA GLU B 237 36.96 -4.47 4.02
C GLU B 237 35.83 -5.34 3.52
N ILE B 238 36.19 -6.27 2.65
CA ILE B 238 35.24 -7.14 2.04
C ILE B 238 35.68 -8.58 2.31
N ARG B 239 34.76 -9.46 2.67
CA ARG B 239 35.02 -10.90 2.70
C ARG B 239 33.70 -11.53 2.30
N LEU B 240 33.75 -12.77 1.81
CA LEU B 240 32.53 -13.51 1.43
C LEU B 240 31.66 -13.85 2.63
N MET B 241 30.34 -13.91 2.47
CA MET B 241 29.48 -14.35 3.53
C MET B 241 29.76 -15.84 3.72
N CYS B 242 29.89 -16.28 4.97
CA CYS B 242 30.16 -17.70 5.24
C CYS B 242 28.93 -18.59 5.38
N THR B 243 27.69 -18.02 5.51
CA THR B 243 26.51 -18.84 5.70
C THR B 243 26.33 -19.90 4.64
N GLU B 244 25.90 -21.09 5.11
CA GLU B 244 25.64 -22.14 4.17
C GLU B 244 24.40 -21.83 3.32
N THR B 245 23.59 -20.80 3.63
CA THR B 245 22.42 -20.44 2.82
C THR B 245 22.87 -19.50 1.70
N TYR B 246 23.48 -20.01 0.62
CA TYR B 246 24.09 -19.15 -0.39
C TYR B 246 23.02 -18.24 -1.01
N LEU B 247 23.29 -16.92 -1.09
CA LEU B 247 22.23 -16.02 -1.53
C LEU B 247 22.20 -15.65 -3.00
N ASP B 248 23.22 -16.04 -3.75
CA ASP B 248 23.22 -15.70 -5.18
C ASP B 248 22.38 -16.66 -6.00
N THR B 249 22.14 -16.29 -7.27
CA THR B 249 21.51 -17.15 -8.26
C THR B 249 22.34 -16.98 -9.53
N PRO B 250 22.94 -18.03 -10.11
CA PRO B 250 22.79 -19.41 -9.68
C PRO B 250 23.62 -19.73 -8.44
N ARG B 251 23.34 -20.91 -7.88
CA ARG B 251 24.06 -21.33 -6.67
C ARG B 251 24.00 -22.86 -6.56
N PRO B 252 24.93 -23.52 -5.86
CA PRO B 252 24.79 -24.95 -5.54
C PRO B 252 23.85 -25.12 -4.34
N ASP B 253 23.63 -26.38 -3.99
CA ASP B 253 22.84 -26.71 -2.80
C ASP B 253 23.43 -26.14 -1.54
N ASP B 254 22.55 -25.67 -0.68
CA ASP B 254 23.01 -25.13 0.58
C ASP B 254 23.96 -26.05 1.32
N GLY B 255 25.03 -25.41 1.80
CA GLY B 255 26.00 -26.10 2.63
C GLY B 255 26.91 -27.03 1.85
N SER B 256 26.81 -27.13 0.52
CA SER B 256 27.66 -28.02 -0.23
C SER B 256 29.07 -27.48 -0.48
N ILE B 257 29.33 -26.19 -0.20
CA ILE B 257 30.66 -25.68 -0.44
C ILE B 257 31.52 -25.96 0.80
N THR B 258 32.41 -26.91 0.55
CA THR B 258 33.42 -27.42 1.46
C THR B 258 34.58 -26.45 1.73
N GLY B 259 35.28 -26.59 2.84
CA GLY B 259 36.47 -25.79 3.08
C GLY B 259 36.16 -24.57 3.90
N PRO B 260 37.13 -23.68 4.15
CA PRO B 260 36.95 -22.47 4.93
C PRO B 260 35.93 -21.50 4.32
N CYS B 261 35.51 -20.51 5.13
CA CYS B 261 34.52 -19.49 4.75
C CYS B 261 34.80 -18.80 3.43
N GLU B 262 36.09 -18.58 3.14
CA GLU B 262 36.49 -17.87 1.95
C GLU B 262 36.43 -18.73 0.70
N SER B 263 36.18 -20.05 0.78
CA SER B 263 36.17 -20.90 -0.42
C SER B 263 35.08 -20.44 -1.38
N ASN B 264 35.47 -20.32 -2.65
CA ASN B 264 34.57 -19.87 -3.72
C ASN B 264 33.46 -20.86 -4.03
N GLY B 265 33.74 -22.14 -4.11
CA GLY B 265 32.71 -23.10 -4.48
C GLY B 265 32.36 -23.06 -5.96
N ASP B 266 31.43 -23.89 -6.29
CA ASP B 266 31.00 -24.19 -7.63
C ASP B 266 29.81 -23.34 -8.02
N LYS B 267 29.42 -23.30 -9.31
CA LYS B 267 28.32 -22.53 -9.85
C LYS B 267 28.40 -21.03 -9.52
N GLY B 268 29.63 -20.53 -9.49
CA GLY B 268 29.85 -19.14 -9.20
C GLY B 268 29.60 -18.19 -10.37
N ARG B 269 29.67 -18.65 -11.63
CA ARG B 269 29.47 -17.75 -12.76
C ARG B 269 28.01 -17.32 -12.83
N GLY B 270 27.76 -16.05 -13.16
CA GLY B 270 26.41 -15.53 -13.11
C GLY B 270 26.12 -14.96 -11.73
N GLY B 271 24.96 -14.33 -11.61
CA GLY B 271 24.61 -13.68 -10.37
C GLY B 271 23.31 -12.92 -10.47
N ILE B 272 22.90 -12.38 -9.33
CA ILE B 272 21.73 -11.52 -9.30
C ILE B 272 21.89 -10.54 -8.15
N LYS B 273 21.33 -9.31 -8.30
CA LYS B 273 21.39 -8.35 -7.19
C LYS B 273 20.45 -8.86 -6.09
N GLY B 274 20.89 -8.81 -4.85
CA GLY B 274 20.13 -9.36 -3.74
C GLY B 274 19.67 -8.36 -2.69
N GLY B 275 18.45 -8.59 -2.19
CA GLY B 275 17.88 -7.78 -1.10
C GLY B 275 18.61 -8.02 0.21
N PHE B 276 18.76 -6.95 0.97
CA PHE B 276 19.43 -6.99 2.26
C PHE B 276 18.97 -5.72 2.98
N VAL B 277 18.51 -5.84 4.23
CA VAL B 277 18.21 -4.63 5.00
C VAL B 277 18.41 -4.93 6.49
N HIS B 278 18.72 -3.90 7.27
CA HIS B 278 18.99 -4.05 8.70
C HIS B 278 17.79 -3.71 9.57
N GLN B 279 17.66 -4.43 10.68
CA GLN B 279 16.70 -4.08 11.67
C GLN B 279 17.60 -3.79 12.88
N ARG B 280 17.74 -2.52 13.23
CA ARG B 280 18.58 -2.09 14.31
C ARG B 280 17.77 -2.01 15.59
N MET B 281 18.17 -2.80 16.56
CA MET B 281 17.55 -2.79 17.88
C MET B 281 18.61 -2.29 18.85
N ALA B 282 18.19 -2.02 20.08
CA ALA B 282 19.09 -1.48 21.10
C ALA B 282 20.24 -2.42 21.40
N SER B 283 19.98 -3.71 21.56
CA SER B 283 21.07 -4.62 21.85
C SER B 283 21.31 -5.75 20.84
N LYS B 284 20.66 -5.71 19.67
CA LYS B 284 20.65 -6.80 18.74
C LYS B 284 20.54 -6.20 17.35
N ILE B 285 21.11 -6.85 16.34
CA ILE B 285 20.91 -6.42 14.96
C ILE B 285 20.37 -7.59 14.16
N GLY B 286 19.28 -7.37 13.43
CA GLY B 286 18.75 -8.34 12.51
C GLY B 286 19.19 -7.94 11.10
N ARG B 287 19.67 -8.95 10.39
CA ARG B 287 20.03 -8.83 9.00
C ARG B 287 19.02 -9.65 8.21
N TRP B 288 18.26 -8.94 7.39
CA TRP B 288 17.22 -9.56 6.61
C TRP B 288 17.71 -9.65 5.15
N TYR B 289 17.50 -10.80 4.48
CA TYR B 289 18.02 -11.10 3.16
C TYR B 289 16.97 -11.75 2.30
N SER B 290 17.03 -11.58 0.96
CA SER B 290 16.13 -12.32 0.09
C SER B 290 16.92 -13.08 -0.96
N ARG B 291 16.43 -14.23 -1.39
CA ARG B 291 17.08 -14.95 -2.47
C ARG B 291 16.00 -15.65 -3.29
N THR B 292 16.27 -15.97 -4.56
CA THR B 292 15.27 -16.63 -5.40
C THR B 292 14.92 -18.02 -4.85
N MET B 293 13.73 -18.51 -5.15
CA MET B 293 13.34 -19.84 -4.73
C MET B 293 14.14 -20.86 -5.54
N SER B 294 14.24 -20.65 -6.87
CA SER B 294 15.01 -21.50 -7.76
C SER B 294 16.51 -21.28 -7.57
N LYS B 295 17.29 -22.36 -7.58
CA LYS B 295 18.74 -22.23 -7.42
C LYS B 295 19.37 -21.79 -8.72
N THR B 296 18.69 -21.93 -9.84
CA THR B 296 19.33 -21.56 -11.09
C THR B 296 18.61 -20.52 -11.91
N GLU B 297 17.32 -20.30 -11.63
CA GLU B 297 16.54 -19.36 -12.43
C GLU B 297 15.97 -18.22 -11.61
N ARG B 298 15.54 -17.13 -12.28
CA ARG B 298 15.03 -15.95 -11.57
C ARG B 298 13.54 -16.13 -11.33
N MET B 299 13.22 -17.06 -10.44
CA MET B 299 11.84 -17.48 -10.16
C MET B 299 11.72 -17.60 -8.65
N GLY B 300 10.65 -16.97 -8.13
CA GLY B 300 10.32 -16.96 -6.73
C GLY B 300 11.22 -16.07 -5.91
N MET B 301 10.89 -15.84 -4.64
CA MET B 301 11.71 -15.01 -3.77
C MET B 301 11.35 -15.35 -2.32
N GLU B 302 12.33 -15.72 -1.49
CA GLU B 302 12.03 -15.93 -0.10
C GLU B 302 13.00 -15.15 0.75
N LEU B 303 12.48 -14.95 1.95
CA LEU B 303 13.06 -14.08 2.96
C LEU B 303 13.76 -14.91 4.04
N TYR B 304 14.89 -14.40 4.51
CA TYR B 304 15.68 -15.06 5.54
C TYR B 304 16.12 -13.99 6.51
N VAL B 305 16.38 -14.43 7.75
CA VAL B 305 16.92 -13.52 8.74
C VAL B 305 17.97 -14.22 9.62
N ARG B 306 18.85 -13.38 10.14
CA ARG B 306 19.77 -13.81 11.17
C ARG B 306 20.03 -12.61 12.07
N TYR B 307 19.97 -12.84 13.38
CA TYR B 307 20.31 -11.82 14.34
C TYR B 307 21.71 -12.04 14.87
N ASP B 308 22.44 -10.92 14.92
CA ASP B 308 23.80 -10.81 15.40
C ASP B 308 24.79 -11.71 14.68
N GLY B 309 25.92 -12.05 15.31
CA GLY B 309 26.94 -12.87 14.69
C GLY B 309 27.81 -12.03 13.75
N ASP B 310 28.72 -12.70 13.06
CA ASP B 310 29.56 -12.00 12.11
C ASP B 310 29.30 -12.77 10.83
N PRO B 311 28.69 -12.11 9.83
CA PRO B 311 28.50 -12.68 8.49
C PRO B 311 29.73 -13.30 7.84
N TRP B 312 30.91 -12.74 8.11
CA TRP B 312 32.12 -13.25 7.50
C TRP B 312 32.52 -14.61 8.06
N THR B 313 32.13 -14.97 9.29
CA THR B 313 32.57 -16.23 9.90
C THR B 313 31.49 -17.21 10.30
N ASP B 314 30.25 -16.76 10.41
CA ASP B 314 29.19 -17.69 10.76
C ASP B 314 28.81 -18.56 9.58
N SER B 315 29.06 -19.86 9.68
CA SER B 315 28.61 -20.80 8.64
C SER B 315 27.14 -21.18 8.77
N ASP B 316 26.52 -20.88 9.93
CA ASP B 316 25.15 -21.28 10.17
C ASP B 316 24.14 -20.85 9.12
N ALA B 317 23.16 -21.71 8.87
CA ALA B 317 22.09 -21.41 7.96
C ALA B 317 21.30 -20.23 8.48
N LEU B 318 20.80 -19.41 7.55
CA LEU B 318 19.92 -18.30 7.92
C LEU B 318 18.53 -18.88 8.19
N ALA B 319 17.68 -18.18 8.93
CA ALA B 319 16.35 -18.70 9.25
C ALA B 319 15.36 -18.29 8.17
N HIS B 320 14.73 -19.27 7.54
CA HIS B 320 13.72 -19.00 6.54
C HIS B 320 12.59 -18.19 7.17
N SER B 321 12.23 -17.05 6.58
CA SER B 321 11.15 -16.26 7.12
C SER B 321 9.95 -16.00 6.20
N GLY B 322 9.72 -16.79 5.16
CA GLY B 322 8.48 -16.66 4.42
C GLY B 322 8.75 -16.59 2.92
N VAL B 323 7.76 -17.00 2.13
CA VAL B 323 7.77 -16.97 0.68
C VAL B 323 7.09 -15.67 0.29
N MET B 324 7.84 -14.79 -0.36
CA MET B 324 7.30 -13.53 -0.80
C MET B 324 6.74 -13.70 -2.22
N VAL B 325 7.38 -14.51 -3.08
CA VAL B 325 6.96 -14.70 -4.46
C VAL B 325 7.05 -16.21 -4.69
N SER B 326 5.99 -16.88 -5.15
CA SER B 326 6.05 -18.30 -5.39
C SER B 326 6.97 -18.64 -6.57
N MET B 327 7.38 -19.91 -6.68
CA MET B 327 8.20 -20.42 -7.78
C MET B 327 7.66 -20.14 -9.21
N LYS B 328 6.35 -20.00 -9.26
CA LYS B 328 5.51 -19.72 -10.39
C LYS B 328 5.68 -18.32 -10.99
N GLU B 329 6.24 -17.44 -10.19
CA GLU B 329 6.30 -16.04 -10.54
C GLU B 329 7.75 -15.57 -10.68
N PRO B 330 8.05 -14.50 -11.47
CA PRO B 330 9.40 -13.93 -11.58
C PRO B 330 9.94 -13.32 -10.29
N GLY B 331 11.19 -13.64 -9.95
CA GLY B 331 11.83 -13.05 -8.82
C GLY B 331 13.17 -12.58 -9.38
N TRP B 332 13.32 -11.31 -9.74
CA TRP B 332 14.58 -10.90 -10.33
C TRP B 332 15.37 -10.08 -9.31
N TYR B 333 15.72 -8.81 -9.52
CA TYR B 333 16.57 -8.09 -8.57
C TYR B 333 15.78 -7.78 -7.30
N SER B 334 16.47 -7.77 -6.16
CA SER B 334 15.78 -7.32 -4.96
C SER B 334 16.74 -6.37 -4.23
N PHE B 335 16.15 -5.56 -3.36
CA PHE B 335 16.89 -4.46 -2.74
C PHE B 335 16.27 -4.11 -1.38
N GLY B 336 17.05 -3.50 -0.51
CA GLY B 336 16.52 -3.03 0.75
C GLY B 336 16.34 -1.52 0.69
N PHE B 337 15.47 -0.99 1.57
CA PHE B 337 15.32 0.44 1.74
C PHE B 337 14.59 0.63 3.07
N GLU B 338 14.60 1.84 3.60
CA GLU B 338 13.95 2.08 4.87
C GLU B 338 13.02 3.27 4.72
N ILE B 339 11.83 3.17 5.27
CA ILE B 339 10.87 4.27 5.29
C ILE B 339 11.00 4.98 6.64
N LYS B 340 10.98 6.29 6.69
CA LYS B 340 11.14 7.02 7.93
C LYS B 340 9.79 7.22 8.64
N ASP B 341 9.52 6.56 9.75
CA ASP B 341 8.33 6.88 10.53
C ASP B 341 8.70 8.10 11.39
N LYS B 342 7.83 8.60 12.27
CA LYS B 342 8.09 9.78 13.09
C LYS B 342 9.31 9.62 13.95
N LYS B 343 9.47 8.51 14.63
CA LYS B 343 10.58 8.35 15.55
C LYS B 343 11.49 7.17 15.26
N CYS B 344 11.16 6.37 14.27
CA CYS B 344 11.91 5.16 14.01
C CYS B 344 11.90 4.83 12.54
N ASP B 345 12.78 3.92 12.12
CA ASP B 345 12.91 3.57 10.73
C ASP B 345 12.29 2.21 10.48
N VAL B 346 11.57 2.06 9.37
CA VAL B 346 10.90 0.83 8.96
C VAL B 346 11.71 0.13 7.85
N PRO B 347 12.29 -1.07 8.08
CA PRO B 347 13.05 -1.77 7.06
C PRO B 347 12.11 -2.48 6.08
N CYS B 348 12.42 -2.34 4.79
CA CYS B 348 11.68 -3.01 3.74
C CYS B 348 12.57 -3.68 2.70
N ILE B 349 12.04 -4.67 1.97
CA ILE B 349 12.71 -5.27 0.81
C ILE B 349 11.74 -5.11 -0.35
N GLY B 350 12.26 -4.70 -1.49
CA GLY B 350 11.49 -4.53 -2.70
C GLY B 350 11.96 -5.58 -3.67
N ILE B 351 11.09 -6.10 -4.54
CA ILE B 351 11.44 -7.15 -5.47
C ILE B 351 11.05 -6.73 -6.89
N GLU B 352 12.02 -6.74 -7.80
CA GLU B 352 11.77 -6.57 -9.21
C GLU B 352 11.17 -7.88 -9.77
N MET B 353 10.00 -7.81 -10.41
CA MET B 353 9.33 -9.00 -10.93
C MET B 353 9.24 -8.75 -12.41
N VAL B 354 10.22 -9.25 -13.14
CA VAL B 354 10.32 -8.97 -14.57
C VAL B 354 9.39 -9.86 -15.39
N HIS B 355 8.75 -9.18 -16.34
CA HIS B 355 7.88 -9.76 -17.36
C HIS B 355 8.83 -10.13 -18.49
N ASP B 356 9.20 -11.39 -18.62
CA ASP B 356 10.13 -11.73 -19.67
C ASP B 356 9.45 -12.62 -20.70
N GLY B 357 9.27 -12.12 -21.90
CA GLY B 357 8.73 -12.92 -22.97
C GLY B 357 9.84 -13.07 -24.01
N GLY B 358 11.10 -12.90 -23.62
CA GLY B 358 12.20 -12.93 -24.57
C GLY B 358 12.29 -11.64 -25.39
N LYS B 359 13.34 -11.71 -26.20
CA LYS B 359 13.81 -10.64 -27.07
C LYS B 359 12.82 -10.14 -28.15
N LYS B 360 11.82 -10.98 -28.40
CA LYS B 360 10.79 -10.74 -29.38
C LYS B 360 9.65 -9.83 -28.92
N THR B 361 9.50 -9.50 -27.63
CA THR B 361 8.40 -8.66 -27.20
C THR B 361 8.95 -7.64 -26.21
N TRP B 362 8.10 -6.87 -25.52
CA TRP B 362 8.55 -5.89 -24.55
C TRP B 362 9.11 -6.62 -23.31
N HIS B 363 9.97 -5.98 -22.54
CA HIS B 363 10.60 -6.58 -21.37
C HIS B 363 10.54 -5.53 -20.27
N SER B 364 9.75 -5.72 -19.22
CA SER B 364 9.69 -4.68 -18.20
C SER B 364 9.45 -5.32 -16.83
N ALA B 365 9.04 -4.58 -15.80
CA ALA B 365 9.00 -5.15 -14.47
C ALA B 365 7.97 -4.54 -13.59
N ALA B 366 7.44 -5.32 -12.65
CA ALA B 366 6.59 -4.80 -11.56
C ALA B 366 7.50 -4.78 -10.34
N THR B 367 7.12 -4.08 -9.28
CA THR B 367 7.93 -3.93 -8.07
C THR B 367 7.02 -4.31 -6.91
N ALA B 368 7.41 -5.35 -6.14
CA ALA B 368 6.64 -5.78 -4.97
C ALA B 368 7.33 -5.28 -3.71
N ILE B 369 6.64 -4.89 -2.63
CA ILE B 369 7.30 -4.37 -1.44
C ILE B 369 6.84 -5.14 -0.21
N TYR B 370 7.76 -5.61 0.64
CA TYR B 370 7.46 -6.26 1.88
C TYR B 370 8.18 -5.45 2.94
N CYS B 371 7.53 -5.10 4.05
CA CYS B 371 8.15 -4.35 5.14
C CYS B 371 7.95 -5.06 6.48
N LEU B 372 8.87 -4.79 7.40
CA LEU B 372 8.75 -5.24 8.78
C LEU B 372 7.47 -4.62 9.33
N MET B 373 6.59 -5.42 9.91
CA MET B 373 5.25 -4.98 10.24
C MET B 373 4.66 -5.88 11.32
N GLY B 374 4.62 -5.53 12.59
CA GLY B 374 3.94 -6.34 13.61
C GLY B 374 4.68 -7.64 13.88
N SER B 375 3.96 -8.64 14.36
CA SER B 375 4.61 -9.86 14.75
C SER B 375 3.94 -11.09 14.17
N GLY B 376 4.39 -12.31 14.48
CA GLY B 376 3.77 -13.49 13.93
C GLY B 376 4.63 -13.96 12.79
N GLN B 377 4.03 -14.41 11.71
CA GLN B 377 4.78 -14.84 10.56
C GLN B 377 4.27 -14.23 9.26
N LEU B 378 5.05 -14.28 8.19
CA LEU B 378 4.70 -13.66 6.92
C LEU B 378 3.55 -14.42 6.33
N LEU B 379 2.48 -13.75 5.91
CA LEU B 379 1.27 -14.44 5.49
C LEU B 379 0.96 -14.56 4.02
N TRP B 380 1.40 -13.69 3.10
CA TRP B 380 0.93 -13.85 1.74
C TRP B 380 2.00 -13.43 0.76
N ASP B 381 1.86 -14.02 -0.41
CA ASP B 381 2.79 -13.85 -1.50
C ASP B 381 2.22 -12.86 -2.53
N THR B 382 3.05 -12.48 -3.49
CA THR B 382 2.69 -11.49 -4.51
C THR B 382 2.66 -12.08 -5.93
N VAL B 383 1.68 -11.72 -6.75
CA VAL B 383 1.70 -12.12 -8.17
C VAL B 383 1.62 -10.82 -8.95
N THR B 384 2.09 -10.73 -10.21
CA THR B 384 2.02 -9.47 -10.94
C THR B 384 0.62 -9.25 -11.50
N GLY B 385 -0.05 -10.37 -11.81
CA GLY B 385 -1.37 -10.39 -12.45
C GLY B 385 -1.29 -10.04 -13.93
N VAL B 386 -0.11 -9.96 -14.56
CA VAL B 386 0.00 -9.51 -15.94
C VAL B 386 0.00 -10.67 -16.95
N ASP B 387 -0.76 -10.51 -18.02
CA ASP B 387 -0.74 -11.46 -19.12
C ASP B 387 0.02 -10.68 -20.19
N MET B 388 1.19 -11.18 -20.59
CA MET B 388 2.03 -10.48 -21.54
C MET B 388 1.50 -10.43 -22.96
N ALA B 389 0.48 -11.23 -23.29
CA ALA B 389 -0.08 -11.18 -24.60
C ALA B 389 -1.06 -10.03 -24.88
N LEU B 390 -1.55 -9.32 -23.85
CA LEU B 390 -2.61 -8.34 -24.05
C LEU B 390 -2.07 -7.01 -24.51
C1 NAG C . -15.33 18.63 21.64
C2 NAG C . -16.32 19.74 21.30
C3 NAG C . -15.55 20.90 20.63
C4 NAG C . -14.42 21.37 21.57
C5 NAG C . -13.46 20.20 21.86
C6 NAG C . -12.31 20.54 22.83
C7 NAG C . -18.59 18.94 20.69
C8 NAG C . -19.55 18.26 19.71
N2 NAG C . -17.32 19.17 20.39
O3 NAG C . -16.39 22.00 20.32
O4 NAG C . -13.74 22.48 20.98
O5 NAG C . -14.23 19.11 22.42
O6 NAG C . -11.88 19.36 23.48
O7 NAG C . -19.01 19.33 21.78
H1 NAG C . -14.90 18.22 20.71
H2 NAG C . -16.77 20.12 22.23
H3 NAG C . -15.09 20.53 19.69
H4 NAG C . -14.86 21.70 22.53
H5 NAG C . -13.02 19.84 20.92
H61 NAG C . -12.62 21.31 23.56
H62 NAG C . -11.47 20.97 22.26
H81 NAG C . -20.04 19.03 19.09
H82 NAG C . -20.33 17.71 20.25
H83 NAG C . -18.99 17.56 19.07
HN2 NAG C . -17.02 18.94 19.50
HO3 NAG C . -16.82 22.27 21.14
HO4 NAG C . -14.37 22.91 20.37
HO6 NAG C . -12.61 18.72 23.47
C1 SIA D . -21.22 -7.54 -0.36
C2 SIA D . -19.75 -7.77 0.00
C3 SIA D . -18.55 -6.94 -0.44
C4 SIA D . -17.38 -7.04 0.52
C5 SIA D . -17.40 -8.35 1.32
C6 SIA D . -18.67 -8.38 2.16
C7 SIA D . -18.83 -9.72 2.90
C8 SIA D . -20.08 -9.77 3.78
C9 SIA D . -20.20 -10.98 4.73
C10 SIA D . -15.18 -9.10 2.24
C11 SIA D . -14.08 -8.70 3.20
N5 SIA D . -16.21 -8.29 2.15
O1A SIA D . -21.34 -6.80 -1.35
O1B SIA D . -22.29 -7.85 0.20
O2 SIA D . -19.89 -9.14 -0.35
O4 SIA D . -16.21 -7.05 -0.27
O6 SIA D . -19.85 -8.28 1.34
O7 SIA D . -18.93 -10.80 2.00
O8 SIA D . -19.99 -8.62 4.59
O9 SIA D . -19.12 -11.00 5.66
O10 SIA D . -15.17 -10.15 1.57
H32 SIA D . -18.91 -5.92 -0.65
H31 SIA D . -18.50 -7.10 -1.52
H4 SIA D . -17.45 -6.15 1.15
H5 SIA D . -17.37 -9.22 0.65
H6 SIA D . -18.66 -7.52 2.84
H7 SIA D . -17.93 -10.05 3.46
H8 SIA D . -21.01 -9.71 3.19
H92 SIA D . -20.05 -11.86 4.08
H91 SIA D . -21.08 -11.11 5.38
H111 SIA D . -14.51 -8.41 4.16
H113 SIA D . -13.60 -7.78 2.83
H112 SIA D . -13.26 -9.42 3.31
HN5 SIA D . -16.23 -7.44 2.66
HO2 SIA D . -19.14 -9.29 -0.96
HO4 SIA D . -15.99 -6.11 -0.44
HO7 SIA D . -19.28 -10.15 1.36
HO8 SIA D . -20.40 -8.89 5.42
HO9 SIA D . -18.93 -10.04 5.71
CA CA E . -29.20 -9.06 7.45
CA CA F . -2.96 11.78 -18.11
C1 NAG G . 22.80 8.09 15.27
C2 NAG G . 21.81 7.48 16.25
C3 NAG G . 20.66 8.46 16.47
C4 NAG G . 21.20 9.79 17.02
C5 NAG G . 22.25 10.37 16.03
C6 NAG G . 23.04 11.54 16.65
C7 NAG G . 21.63 5.02 16.02
C8 NAG G . 21.06 3.79 15.31
N2 NAG G . 21.30 6.25 15.64
O3 NAG G . 19.72 7.91 17.36
O4 NAG G . 20.13 10.71 17.24
O5 NAG G . 23.26 9.37 15.70
O6 NAG G . 24.25 11.73 15.92
O7 NAG G . 22.40 4.86 16.96
H1 NAG G . 22.32 8.22 14.28
H2 NAG G . 22.31 7.29 17.21
H3 NAG G . 20.18 8.66 15.50
H4 NAG G . 21.69 9.59 17.98
H5 NAG G . 21.77 10.70 15.09
H61 NAG G . 23.30 11.31 17.70
H62 NAG G . 22.42 12.45 16.66
H81 NAG G . 21.64 2.89 15.58
H82 NAG G . 21.12 3.92 14.22
H83 NAG G . 20.02 3.63 15.62
HN2 NAG G . 20.74 6.36 14.86
HO3 NAG G . 18.84 8.15 17.06
HO4 NAG G . 19.48 10.26 17.77
HO6 NAG G . 24.36 10.98 15.33
C1 SIA H . 21.37 -8.83 -15.13
C2 SIA H . 21.92 -7.45 -15.56
C3 SIA H . 21.18 -6.13 -15.62
C4 SIA H . 22.07 -4.91 -15.49
C5 SIA H . 23.53 -5.21 -15.93
C6 SIA H . 24.08 -6.31 -15.02
C7 SIA H . 25.48 -6.76 -15.47
C8 SIA H . 26.06 -7.83 -14.53
C9 SIA H . 27.56 -8.20 -14.80
C10 SIA H . 24.89 -3.24 -16.63
C11 SIA H . 25.48 -1.94 -16.09
N5 SIA H . 24.22 -3.96 -15.74
O1A SIA H . 20.13 -8.86 -15.20
O1B SIA H . 21.93 -9.85 -14.67
O2 SIA H . 22.47 -8.03 -16.73
O4 SIA H . 21.55 -3.91 -16.32
O6 SIA H . 23.26 -7.50 -15.05
O7 SIA H . 25.45 -7.32 -16.77
O8 SIA H . 26.00 -7.28 -13.25
O9 SIA H . 28.37 -7.09 -14.58
O10 SIA H . 25.02 -3.64 -17.79
H32 SIA H . 20.34 -6.20 -14.90
H31 SIA H . 20.44 -6.28 -16.42
H4 SIA H . 22.01 -4.62 -14.42
H5 SIA H . 23.54 -5.55 -16.97
H6 SIA H . 24.07 -5.95 -13.98
H7 SIA H . 26.19 -5.94 -15.64
H8 SIA H . 25.51 -8.77 -14.58
H92 SIA H . 27.62 -8.40 -15.87
H91 SIA H . 28.07 -8.96 -14.21
H111 SIA H . 26.00 -2.12 -15.14
H113 SIA H . 24.66 -1.25 -15.82
H112 SIA H . 26.09 -1.38 -16.79
HN5 SIA H . 24.09 -3.66 -14.80
HO2 SIA H . 22.18 -7.47 -17.45
HO4 SIA H . 20.82 -3.47 -15.86
HO7 SIA H . 24.51 -7.54 -16.58
HO8 SIA H . 26.79 -7.63 -12.82
HO9 SIA H . 27.85 -6.54 -13.98
CA CA I . 27.84 -15.64 -8.76
#